data_6UP3
#
_entry.id   6UP3
#
_cell.length_a   66.446
_cell.length_b   116.147
_cell.length_c   132.120
_cell.angle_alpha   90.000
_cell.angle_beta   90.000
_cell.angle_gamma   90.000
#
_symmetry.space_group_name_H-M   'P 21 21 21'
#
loop_
_entity.id
_entity.type
_entity.pdbx_description
1 polymer 'Dhx36 protein'
2 non-polymer 'PHOSPHOAMINOPHOSPHONIC ACID-ADENYLATE ESTER'
3 water water
#
_entity_poly.entity_id   1
_entity_poly.type   'polypeptide(L)'
_entity_poly.pdbx_seq_one_letter_code
;KSYIDRDTEYLLQENEPNLSLDQHLLEDLQRKKTDPRYIEMQRFRKKLPSYGMQKELVNLINNHQVTVISGETGCGKTTQ
VTQFILDNYIERGKGSACRIVCTQPRRISAISVAERVATERAESCGNGNSTGYQIRLQSRLPRKQGSILYCTTGIILQWL
QSDSRLSSVSHIVLDEIHERNLQSDVLMTVIKDLLHFRSDLKVILMSATLNAEKFSEYFGNCPMIHIPGFTFPVVEYLLE
DIIEKIRYVPDQKEHRSQFKRGFMQGHVNRQEKEEKEAIYKERWPAYIKELRTRYSASTVDVLQMMDDDKVDLNLIAALI
RYIVLEEEDGAILVFLPGWDNISTLHDLLMSQVMFKSDKFLIIPLHSLMPTVNQTQVFKKTPPGVRKIVIATNIAETSIT
IDDVVYVIDGGKIKETHFDTQNNISTMSAEWVSKANAKQRKGRAGRVQPGHCYHLYNGLRASLLDDYQLPEILRTPLEEL
CLQIKILRLGGIAYFLSRLMDPPSNEAVVLSIKHLMELSALDKQEELTPLGVHLARLPVEPHIGKMILFGALFCCLDPVL
TIAASLSFKDPFVIPLGKEKIADARRKELAKETRSDHLTVVNAFEGWEEAKRRGFRYEKDYCWEYFLSSNTLQMLHNMKG
QFAEHLLGAGFVSSRSPKDPKANINSDNEKIIKAVICAGLYPKVAKIRLNLGKKRKMVKVHTKSDGLVSIHPKSVNVEQT
DFHYNWLIYHLKMRTSSIYLYDCTEVSPYCLLFFGGDISIQKDKDQEIIAVDEWIVFQSPERIAHLVKGLRKELDSLLQE
KIESPHPVDWDDTKSRDCAVLSAILDLIKT
;
_entity_poly.pdbx_strand_id   A
#
# COMPACT_ATOMS: atom_id res chain seq x y z
N ILE A 4 -13.14 11.24 19.79
CA ILE A 4 -14.19 11.74 18.92
C ILE A 4 -13.69 11.71 17.46
N ASP A 5 -14.12 12.66 16.63
CA ASP A 5 -13.79 12.64 15.20
C ASP A 5 -13.49 14.06 14.72
N ARG A 6 -12.30 14.24 14.14
CA ARG A 6 -11.77 15.54 13.73
C ARG A 6 -11.95 15.84 12.24
N ASP A 7 -12.20 14.82 11.41
CA ASP A 7 -12.32 14.95 9.97
C ASP A 7 -13.77 15.04 9.50
N THR A 8 -14.71 15.18 10.42
CA THR A 8 -16.13 15.34 10.11
C THR A 8 -16.48 16.82 10.20
N GLU A 9 -16.18 17.57 9.16
CA GLU A 9 -16.84 18.87 9.22
C GLU A 9 -17.63 19.18 7.96
N TYR A 10 -17.12 18.83 6.79
CA TYR A 10 -17.93 18.99 5.59
C TYR A 10 -19.20 18.16 5.71
N LEU A 11 -19.09 16.99 6.35
CA LEU A 11 -20.23 16.10 6.46
C LEU A 11 -21.24 16.61 7.49
N LEU A 12 -20.77 17.23 8.57
CA LEU A 12 -21.66 17.61 9.64
C LEU A 12 -22.41 18.91 9.38
N GLN A 13 -22.03 19.67 8.36
CA GLN A 13 -22.82 20.81 7.94
C GLN A 13 -24.10 20.35 7.25
N GLU A 14 -25.17 21.10 7.41
CA GLU A 14 -26.45 20.74 6.84
C GLU A 14 -26.58 21.33 5.45
N ASN A 15 -27.14 20.55 4.52
CA ASN A 15 -27.43 21.04 3.18
C ASN A 15 -28.64 21.95 3.29
N GLU A 16 -28.41 23.25 3.12
CA GLU A 16 -29.45 24.28 3.24
C GLU A 16 -29.36 25.18 2.01
N PRO A 17 -30.08 24.85 0.93
CA PRO A 17 -30.08 25.72 -0.24
C PRO A 17 -30.63 27.12 0.06
N ASN A 18 -30.09 28.10 -0.66
CA ASN A 18 -30.27 29.51 -0.38
C ASN A 18 -30.39 30.23 -1.70
N LEU A 19 -31.53 30.88 -1.95
CA LEU A 19 -31.71 31.50 -3.25
C LEU A 19 -30.79 32.71 -3.43
N SER A 20 -30.46 33.40 -2.34
CA SER A 20 -29.52 34.51 -2.43
C SER A 20 -28.11 34.03 -2.77
N LEU A 21 -27.75 32.80 -2.37
CA LEU A 21 -26.49 32.23 -2.84
C LEU A 21 -26.62 31.71 -4.27
N ASP A 22 -27.79 31.17 -4.62
CA ASP A 22 -28.02 30.77 -6.01
C ASP A 22 -27.75 31.93 -6.96
N GLN A 23 -28.06 33.16 -6.52
CA GLN A 23 -27.80 34.36 -7.31
C GLN A 23 -26.33 34.75 -7.27
N HIS A 24 -25.73 34.68 -6.09
CA HIS A 24 -24.30 34.97 -5.97
C HIS A 24 -23.48 34.08 -6.89
N LEU A 25 -23.73 32.77 -6.85
CA LEU A 25 -22.95 31.84 -7.67
C LEU A 25 -23.16 32.07 -9.15
N LEU A 26 -24.33 32.55 -9.54
CA LEU A 26 -24.57 32.78 -10.96
C LEU A 26 -23.95 34.09 -11.42
N GLU A 27 -23.92 35.10 -10.57
CA GLU A 27 -23.24 36.34 -10.93
C GLU A 27 -21.73 36.13 -10.96
N ASP A 28 -21.20 35.43 -9.96
CA ASP A 28 -19.79 35.02 -10.00
C ASP A 28 -19.51 34.17 -11.24
N LEU A 29 -20.50 33.41 -11.71
CA LEU A 29 -20.28 32.60 -12.90
C LEU A 29 -20.03 33.47 -14.12
N GLN A 30 -20.67 34.63 -14.21
CA GLN A 30 -20.48 35.43 -15.41
C GLN A 30 -19.32 36.41 -15.28
N ARG A 31 -18.99 36.87 -14.07
CA ARG A 31 -17.72 37.58 -13.91
C ARG A 31 -16.53 36.69 -14.24
N LYS A 32 -16.61 35.39 -13.91
CA LYS A 32 -15.56 34.46 -14.34
C LYS A 32 -15.39 34.52 -15.86
N LYS A 33 -16.50 34.60 -16.59
CA LYS A 33 -16.43 34.61 -18.05
C LYS A 33 -15.63 35.80 -18.59
N THR A 34 -15.41 36.85 -17.80
CA THR A 34 -14.61 37.98 -18.22
C THR A 34 -13.15 37.90 -17.79
N ASP A 35 -12.76 36.86 -17.03
CA ASP A 35 -11.43 36.82 -16.41
C ASP A 35 -10.44 36.09 -17.31
N PRO A 36 -9.41 36.78 -17.82
CA PRO A 36 -8.43 36.12 -18.70
C PRO A 36 -7.84 34.81 -18.18
N ARG A 37 -7.47 34.72 -16.89
CA ARG A 37 -7.01 33.43 -16.36
C ARG A 37 -8.08 32.37 -16.61
N TYR A 38 -9.34 32.74 -16.43
CA TYR A 38 -10.41 31.76 -16.57
C TYR A 38 -10.59 31.32 -18.02
N ILE A 39 -10.62 32.28 -18.96
CA ILE A 39 -10.84 31.94 -20.36
C ILE A 39 -9.70 31.07 -20.90
N GLU A 40 -8.46 31.31 -20.47
CA GLU A 40 -7.37 30.47 -20.94
C GLU A 40 -7.57 29.03 -20.51
N MET A 41 -7.96 28.83 -19.25
CA MET A 41 -8.23 27.48 -18.79
C MET A 41 -9.39 26.86 -19.52
N GLN A 42 -10.38 27.67 -19.91
CA GLN A 42 -11.51 27.15 -20.69
C GLN A 42 -11.08 26.69 -22.07
N ARG A 43 -10.05 27.31 -22.65
CA ARG A 43 -9.60 26.84 -23.96
C ARG A 43 -8.90 25.50 -23.87
N PHE A 44 -8.28 25.20 -22.73
CA PHE A 44 -7.73 23.86 -22.57
C PHE A 44 -8.83 22.84 -22.38
N ARG A 45 -9.90 23.22 -21.67
CA ARG A 45 -10.95 22.25 -21.36
C ARG A 45 -11.75 21.87 -22.61
N LYS A 46 -11.91 22.79 -23.55
CA LYS A 46 -12.68 22.48 -24.75
C LYS A 46 -11.95 21.50 -25.66
N LYS A 47 -10.63 21.36 -25.50
CA LYS A 47 -9.92 20.38 -26.30
C LYS A 47 -10.19 18.94 -25.85
N LEU A 48 -10.72 18.73 -24.64
CA LEU A 48 -10.90 17.38 -24.13
C LEU A 48 -12.21 16.76 -24.64
N PRO A 49 -12.23 15.46 -24.93
CA PRO A 49 -13.43 14.86 -25.50
C PRO A 49 -14.60 14.92 -24.54
N SER A 50 -14.32 15.00 -23.25
CA SER A 50 -15.41 15.13 -22.28
C SER A 50 -16.23 16.39 -22.55
N TYR A 51 -15.56 17.46 -22.98
CA TYR A 51 -16.26 18.73 -23.19
C TYR A 51 -17.37 18.60 -24.21
N GLY A 52 -17.13 17.87 -25.30
CA GLY A 52 -18.14 17.74 -26.33
C GLY A 52 -19.38 17.02 -25.82
N MET A 53 -19.20 16.10 -24.90
CA MET A 53 -20.28 15.30 -24.37
C MET A 53 -20.87 15.91 -23.12
N GLN A 54 -20.50 17.15 -22.80
CA GLN A 54 -20.83 17.75 -21.52
C GLN A 54 -22.32 17.59 -21.17
N LYS A 55 -23.21 17.84 -22.10
CA LYS A 55 -24.59 17.94 -21.66
C LYS A 55 -25.32 16.59 -21.79
N GLU A 56 -24.90 15.76 -22.75
CA GLU A 56 -25.38 14.37 -22.75
C GLU A 56 -25.08 13.69 -21.41
N LEU A 57 -23.90 13.95 -20.85
CA LEU A 57 -23.56 13.42 -19.52
C LEU A 57 -24.47 14.02 -18.44
N VAL A 58 -24.70 15.34 -18.46
CA VAL A 58 -25.46 15.89 -17.33
C VAL A 58 -26.94 15.52 -17.42
N ASN A 59 -27.49 15.34 -18.63
CA ASN A 59 -28.88 14.88 -18.74
C ASN A 59 -29.02 13.47 -18.20
N LEU A 60 -28.07 12.59 -18.50
CA LEU A 60 -28.15 11.24 -17.97
C LEU A 60 -28.01 11.25 -16.46
N ILE A 61 -27.13 12.10 -15.93
CA ILE A 61 -27.00 12.16 -14.48
C ILE A 61 -28.27 12.70 -13.86
N ASN A 62 -28.92 13.67 -14.51
CA ASN A 62 -30.08 14.29 -13.88
C ASN A 62 -31.34 13.44 -13.94
N ASN A 63 -31.45 12.54 -14.91
CA ASN A 63 -32.65 11.75 -15.02
C ASN A 63 -32.60 10.47 -14.20
N HIS A 64 -31.42 10.04 -13.78
CA HIS A 64 -31.28 8.72 -13.20
C HIS A 64 -30.52 8.82 -11.89
N GLN A 65 -30.69 7.80 -11.06
CA GLN A 65 -30.09 7.85 -9.74
C GLN A 65 -28.65 7.34 -9.75
N VAL A 66 -28.38 6.28 -10.52
CA VAL A 66 -27.08 5.65 -10.65
C VAL A 66 -26.67 5.65 -12.10
N THR A 67 -25.46 6.13 -12.37
CA THR A 67 -24.88 6.30 -13.69
C THR A 67 -23.46 5.73 -13.69
N VAL A 68 -23.10 5.05 -14.76
CA VAL A 68 -21.70 4.72 -15.01
C VAL A 68 -21.20 5.57 -16.16
N ILE A 69 -20.02 6.13 -16.00
CA ILE A 69 -19.35 6.88 -17.05
C ILE A 69 -18.05 6.18 -17.36
N SER A 70 -17.95 5.55 -18.53
CA SER A 70 -16.67 5.03 -18.98
C SER A 70 -16.06 5.98 -19.99
N GLY A 71 -14.74 5.89 -20.12
CA GLY A 71 -14.06 6.65 -21.15
C GLY A 71 -12.61 6.27 -21.18
N GLU A 72 -11.93 6.69 -22.25
CA GLU A 72 -10.50 6.42 -22.35
C GLU A 72 -9.75 7.28 -21.35
N THR A 73 -8.51 6.88 -21.07
CA THR A 73 -7.75 7.57 -20.05
C THR A 73 -7.32 8.93 -20.60
N GLY A 74 -7.50 9.98 -19.79
CA GLY A 74 -7.19 11.32 -20.22
C GLY A 74 -8.35 12.04 -20.89
N CYS A 75 -9.50 11.40 -21.02
CA CYS A 75 -10.61 12.07 -21.69
C CYS A 75 -11.23 13.16 -20.82
N GLY A 76 -11.03 13.13 -19.50
CA GLY A 76 -11.56 14.18 -18.64
C GLY A 76 -12.42 13.77 -17.45
N LYS A 77 -12.54 12.48 -17.18
CA LYS A 77 -13.46 12.03 -16.14
C LYS A 77 -13.19 12.70 -14.81
N THR A 78 -11.94 12.62 -14.32
CA THR A 78 -11.64 13.01 -12.94
C THR A 78 -11.77 14.51 -12.72
N THR A 79 -11.33 15.32 -13.68
CA THR A 79 -11.32 16.76 -13.50
C THR A 79 -12.57 17.47 -13.99
N GLN A 80 -13.38 16.85 -14.85
CA GLN A 80 -14.42 17.59 -15.55
C GLN A 80 -15.83 17.32 -15.05
N VAL A 81 -16.13 16.06 -14.77
CA VAL A 81 -17.51 15.65 -14.50
C VAL A 81 -18.08 16.39 -13.31
N THR A 82 -17.34 16.45 -12.19
CA THR A 82 -17.79 17.27 -11.07
C THR A 82 -18.10 18.69 -11.51
N GLN A 83 -17.23 19.30 -12.31
CA GLN A 83 -17.48 20.67 -12.73
C GLN A 83 -18.75 20.75 -13.58
N PHE A 84 -18.94 19.77 -14.47
CA PHE A 84 -20.14 19.80 -15.30
C PHE A 84 -21.40 19.76 -14.45
N ILE A 85 -21.39 18.95 -13.39
CA ILE A 85 -22.55 18.89 -12.50
C ILE A 85 -22.75 20.24 -11.82
N LEU A 86 -21.73 20.71 -11.11
CA LEU A 86 -21.83 21.98 -10.41
C LEU A 86 -22.23 23.11 -11.35
N ASP A 87 -21.58 23.21 -12.51
CA ASP A 87 -21.91 24.34 -13.39
C ASP A 87 -23.34 24.25 -13.92
N ASN A 88 -23.84 23.04 -14.13
CA ASN A 88 -25.23 22.90 -14.55
C ASN A 88 -26.16 23.48 -13.50
N TYR A 89 -26.02 23.03 -12.26
CA TYR A 89 -26.89 23.53 -11.20
C TYR A 89 -26.74 25.04 -11.05
N ILE A 90 -25.52 25.57 -11.10
CA ILE A 90 -25.32 27.02 -11.10
C ILE A 90 -26.18 27.67 -12.20
N GLU A 91 -25.97 27.23 -13.44
CA GLU A 91 -26.59 27.89 -14.58
C GLU A 91 -28.11 27.86 -14.50
N ARG A 92 -28.68 26.84 -13.87
CA ARG A 92 -30.13 26.75 -13.70
C ARG A 92 -30.60 27.47 -12.44
N GLY A 93 -29.75 28.31 -11.85
CA GLY A 93 -30.06 28.98 -10.61
C GLY A 93 -30.30 28.08 -9.41
N LYS A 94 -29.94 26.79 -9.51
CA LYS A 94 -30.03 25.86 -8.38
C LYS A 94 -28.66 25.59 -7.74
N GLY A 95 -27.75 26.57 -7.82
CA GLY A 95 -26.35 26.34 -7.43
C GLY A 95 -26.19 25.86 -6.00
N SER A 96 -26.89 26.51 -5.06
CA SER A 96 -26.72 26.20 -3.64
C SER A 96 -27.08 24.76 -3.31
N ALA A 97 -27.85 24.09 -4.16
CA ALA A 97 -28.25 22.72 -3.85
C ALA A 97 -27.15 21.67 -4.08
N CYS A 98 -26.00 22.06 -4.62
CA CYS A 98 -24.93 21.11 -4.99
C CYS A 98 -23.93 20.91 -3.86
N ARG A 99 -23.85 19.69 -3.32
CA ARG A 99 -22.71 19.32 -2.48
C ARG A 99 -22.16 18.02 -3.05
N ILE A 100 -21.11 18.13 -3.85
CA ILE A 100 -20.58 17.03 -4.62
C ILE A 100 -19.36 16.47 -3.92
N VAL A 101 -19.36 15.16 -3.69
CA VAL A 101 -18.25 14.46 -3.09
C VAL A 101 -17.67 13.50 -4.11
N CYS A 102 -16.36 13.62 -4.38
CA CYS A 102 -15.65 12.76 -5.31
C CYS A 102 -14.51 12.01 -4.61
N THR A 103 -14.65 10.69 -4.53
CA THR A 103 -13.70 9.86 -3.81
C THR A 103 -12.51 9.48 -4.70
N GLN A 104 -11.32 9.48 -4.11
CA GLN A 104 -10.09 9.16 -4.79
C GLN A 104 -9.44 7.94 -4.15
N PRO A 105 -8.64 7.21 -4.92
CA PRO A 105 -7.96 6.04 -4.33
C PRO A 105 -6.77 6.42 -3.46
N ARG A 106 -6.17 7.60 -3.65
CA ARG A 106 -4.95 8.00 -2.94
C ARG A 106 -5.01 9.45 -2.50
N ARG A 107 -4.43 9.71 -1.33
CA ARG A 107 -4.34 11.05 -0.79
C ARG A 107 -3.88 12.04 -1.86
N ILE A 108 -2.77 11.73 -2.53
CA ILE A 108 -2.16 12.68 -3.46
C ILE A 108 -3.14 13.01 -4.57
N SER A 109 -3.87 12.02 -5.06
CA SER A 109 -4.92 12.28 -6.04
C SER A 109 -5.91 13.33 -5.51
N ALA A 110 -6.47 13.09 -4.31
CA ALA A 110 -7.43 14.03 -3.77
C ALA A 110 -6.88 15.47 -3.78
N ILE A 111 -5.67 15.63 -3.29
CA ILE A 111 -5.06 16.96 -3.20
C ILE A 111 -4.82 17.53 -4.59
N SER A 112 -4.08 16.78 -5.41
CA SER A 112 -3.62 17.33 -6.67
C SER A 112 -4.81 17.65 -7.59
N VAL A 113 -5.84 16.80 -7.60
CA VAL A 113 -7.04 17.07 -8.41
C VAL A 113 -7.79 18.32 -7.91
N ALA A 114 -8.02 18.40 -6.61
CA ALA A 114 -8.65 19.60 -6.05
C ALA A 114 -7.90 20.85 -6.46
N GLU A 115 -6.57 20.78 -6.50
CA GLU A 115 -5.82 21.98 -6.88
C GLU A 115 -5.90 22.22 -8.37
N ARG A 116 -5.90 21.15 -9.19
CA ARG A 116 -6.06 21.36 -10.63
C ARG A 116 -7.42 21.95 -10.95
N VAL A 117 -8.48 21.37 -10.38
CA VAL A 117 -9.83 21.86 -10.62
C VAL A 117 -9.97 23.31 -10.17
N ALA A 118 -9.42 23.64 -8.99
CA ALA A 118 -9.55 25.01 -8.49
C ALA A 118 -8.87 26.00 -9.43
N THR A 119 -7.74 25.63 -10.05
CA THR A 119 -7.16 26.61 -10.97
C THR A 119 -7.92 26.68 -12.31
N GLU A 120 -8.58 25.60 -12.70
CA GLU A 120 -9.45 25.69 -13.88
C GLU A 120 -10.65 26.58 -13.63
N ARG A 121 -11.14 26.66 -12.38
CA ARG A 121 -12.17 27.63 -12.05
C ARG A 121 -11.60 29.02 -11.72
N ALA A 122 -10.27 29.19 -11.83
CA ALA A 122 -9.61 30.49 -11.61
C ALA A 122 -9.72 30.93 -10.15
N GLU A 123 -9.66 29.96 -9.25
CA GLU A 123 -9.85 30.15 -7.82
C GLU A 123 -8.70 29.50 -7.06
N SER A 124 -8.61 29.85 -5.79
CA SER A 124 -7.77 29.11 -4.87
C SER A 124 -8.52 27.88 -4.32
N CYS A 125 -7.74 26.86 -3.94
CA CYS A 125 -8.28 25.62 -3.39
C CYS A 125 -8.63 25.80 -1.92
N GLY A 126 -9.73 25.18 -1.51
CA GLY A 126 -10.19 25.51 -0.15
C GLY A 126 -10.60 26.97 0.00
N ASN A 127 -10.52 27.46 1.25
CA ASN A 127 -10.73 28.88 1.59
C ASN A 127 -12.11 29.39 1.17
N GLY A 128 -13.13 28.54 1.31
CA GLY A 128 -14.47 28.98 0.95
C GLY A 128 -14.74 29.18 -0.53
N ASN A 129 -13.93 28.60 -1.41
CA ASN A 129 -14.21 28.67 -2.83
C ASN A 129 -14.98 27.43 -3.28
N SER A 130 -15.02 27.19 -4.59
CA SER A 130 -15.91 26.15 -5.10
C SER A 130 -15.38 24.73 -4.88
N THR A 131 -14.07 24.54 -4.70
CA THR A 131 -13.45 23.23 -4.67
C THR A 131 -12.48 23.13 -3.50
N GLY A 132 -12.39 21.94 -2.93
CA GLY A 132 -11.40 21.69 -1.91
C GLY A 132 -11.19 20.20 -1.78
N TYR A 133 -10.54 19.83 -0.68
CA TYR A 133 -10.29 18.41 -0.42
C TYR A 133 -10.28 18.17 1.10
N GLN A 134 -10.56 16.93 1.47
CA GLN A 134 -10.41 16.43 2.83
C GLN A 134 -9.76 15.05 2.76
N ILE A 135 -8.56 14.93 3.28
CA ILE A 135 -7.94 13.62 3.49
C ILE A 135 -7.88 13.44 5.00
N ARG A 136 -7.35 12.32 5.47
CA ARG A 136 -7.31 12.16 6.90
C ARG A 136 -6.22 13.03 7.50
N LEU A 137 -6.60 13.81 8.53
CA LEU A 137 -5.81 14.75 9.33
C LEU A 137 -5.57 16.11 8.65
N GLN A 138 -6.02 16.31 7.42
CA GLN A 138 -5.59 17.48 6.67
C GLN A 138 -6.63 17.84 5.64
N SER A 139 -6.97 19.13 5.59
CA SER A 139 -8.07 19.55 4.75
C SER A 139 -7.84 20.98 4.28
N ARG A 140 -8.32 21.28 3.08
CA ARG A 140 -8.60 22.65 2.66
C ARG A 140 -10.04 22.68 2.16
N LEU A 141 -10.98 23.04 3.05
CA LEU A 141 -12.42 22.88 2.78
C LEU A 141 -12.98 24.02 1.93
N PRO A 142 -13.83 23.71 0.95
CA PRO A 142 -14.56 24.74 0.21
C PRO A 142 -15.77 25.22 1.01
N ARG A 143 -16.55 26.10 0.41
CA ARG A 143 -17.74 26.60 1.09
C ARG A 143 -18.77 25.49 1.29
N LYS A 144 -19.70 25.73 2.22
CA LYS A 144 -20.75 24.77 2.58
C LYS A 144 -21.59 24.33 1.37
N GLN A 145 -22.06 25.28 0.55
CA GLN A 145 -23.01 24.98 -0.52
C GLN A 145 -22.44 25.29 -1.89
N GLY A 146 -22.87 24.52 -2.89
CA GLY A 146 -22.39 24.71 -4.25
C GLY A 146 -20.90 24.41 -4.34
N SER A 147 -20.50 23.21 -3.95
CA SER A 147 -19.10 22.92 -3.76
C SER A 147 -18.79 21.51 -4.21
N ILE A 148 -17.52 21.29 -4.53
CA ILE A 148 -16.94 19.98 -4.86
C ILE A 148 -15.89 19.65 -3.82
N LEU A 149 -15.97 18.46 -3.26
CA LEU A 149 -15.00 18.01 -2.28
C LEU A 149 -14.34 16.76 -2.81
N TYR A 150 -13.01 16.80 -2.96
CA TYR A 150 -12.25 15.59 -3.25
C TYR A 150 -11.81 14.96 -1.93
N CYS A 151 -12.08 13.68 -1.77
CA CYS A 151 -11.73 12.99 -0.54
C CYS A 151 -11.18 11.61 -0.92
N THR A 152 -10.61 10.92 0.04
CA THR A 152 -10.25 9.53 -0.18
C THR A 152 -11.37 8.61 0.30
N THR A 153 -11.41 7.41 -0.29
CA THR A 153 -12.41 6.45 0.14
C THR A 153 -12.32 6.21 1.64
N GLY A 154 -11.11 6.28 2.21
CA GLY A 154 -10.96 6.16 3.66
C GLY A 154 -11.81 7.14 4.43
N ILE A 155 -11.80 8.42 4.02
CA ILE A 155 -12.65 9.44 4.64
C ILE A 155 -14.12 9.03 4.61
N ILE A 156 -14.62 8.61 3.44
CA ILE A 156 -16.03 8.22 3.38
C ILE A 156 -16.33 7.13 4.41
N LEU A 157 -15.43 6.15 4.54
CA LEU A 157 -15.66 5.06 5.48
C LEU A 157 -15.69 5.59 6.91
N GLN A 158 -14.84 6.56 7.23
CA GLN A 158 -14.97 7.17 8.56
C GLN A 158 -16.30 7.89 8.69
N TRP A 159 -16.70 8.62 7.63
CA TRP A 159 -17.95 9.38 7.64
C TRP A 159 -19.15 8.51 7.96
N LEU A 160 -19.13 7.26 7.47
CA LEU A 160 -20.28 6.40 7.73
C LEU A 160 -20.42 6.01 9.20
N GLN A 161 -19.36 6.21 10.01
CA GLN A 161 -19.51 6.00 11.44
C GLN A 161 -20.39 7.07 12.07
N SER A 162 -20.26 8.33 11.65
CA SER A 162 -21.10 9.34 12.31
C SER A 162 -22.43 9.59 11.60
N ASP A 163 -22.48 9.50 10.28
CA ASP A 163 -23.74 9.65 9.52
C ASP A 163 -23.81 8.55 8.46
N SER A 164 -24.52 7.46 8.78
CA SER A 164 -24.53 6.32 7.89
C SER A 164 -25.43 6.51 6.68
N ARG A 165 -26.16 7.63 6.60
CA ARG A 165 -26.94 7.98 5.41
C ARG A 165 -26.27 9.04 4.53
N LEU A 166 -25.12 9.59 4.96
CA LEU A 166 -24.47 10.75 4.33
C LEU A 166 -25.47 11.78 3.79
N SER A 167 -26.37 12.26 4.66
CA SER A 167 -27.52 13.03 4.15
C SER A 167 -27.17 14.43 3.66
N SER A 168 -26.05 15.02 4.10
CA SER A 168 -25.72 16.34 3.57
C SER A 168 -25.24 16.31 2.14
N VAL A 169 -24.97 15.15 1.56
CA VAL A 169 -24.31 15.07 0.26
C VAL A 169 -25.36 14.81 -0.82
N SER A 170 -25.31 15.57 -1.91
CA SER A 170 -26.27 15.48 -3.02
C SER A 170 -25.83 14.53 -4.13
N HIS A 171 -24.55 14.57 -4.53
CA HIS A 171 -23.97 13.70 -5.55
C HIS A 171 -22.67 13.11 -5.01
N ILE A 172 -22.51 11.80 -5.15
CA ILE A 172 -21.25 11.13 -4.83
C ILE A 172 -20.68 10.52 -6.11
N VAL A 173 -19.40 10.76 -6.36
CA VAL A 173 -18.74 10.31 -7.57
C VAL A 173 -17.65 9.35 -7.15
N LEU A 174 -17.75 8.07 -7.58
CA LEU A 174 -16.75 7.04 -7.25
C LEU A 174 -15.75 6.94 -8.39
N ASP A 175 -14.57 7.52 -8.18
CA ASP A 175 -13.58 7.59 -9.24
C ASP A 175 -12.65 6.38 -9.22
N GLU A 176 -12.16 6.02 -10.41
CA GLU A 176 -11.09 5.02 -10.58
C GLU A 176 -11.52 3.63 -10.11
N ILE A 177 -12.82 3.32 -10.23
CA ILE A 177 -13.30 2.08 -9.65
C ILE A 177 -12.78 0.87 -10.39
N HIS A 178 -12.22 1.05 -11.59
CA HIS A 178 -11.62 -0.07 -12.34
C HIS A 178 -10.33 -0.54 -11.70
N GLU A 179 -9.74 0.25 -10.80
CA GLU A 179 -8.58 -0.21 -10.08
C GLU A 179 -8.93 -1.34 -9.12
N ARG A 180 -10.19 -1.42 -8.68
CA ARG A 180 -10.67 -2.46 -7.76
C ARG A 180 -9.86 -2.53 -6.46
N ASN A 181 -9.66 -1.39 -5.84
CA ASN A 181 -9.15 -1.34 -4.48
C ASN A 181 -10.20 -1.91 -3.52
N LEU A 182 -9.71 -2.56 -2.44
CA LEU A 182 -10.61 -3.10 -1.40
C LEU A 182 -11.66 -2.07 -1.01
N GLN A 183 -11.21 -0.88 -0.62
CA GLN A 183 -12.13 0.09 -0.05
C GLN A 183 -13.18 0.47 -1.08
N SER A 184 -12.76 0.73 -2.32
CA SER A 184 -13.73 1.07 -3.37
C SER A 184 -14.77 -0.03 -3.52
N ASP A 185 -14.33 -1.30 -3.47
CA ASP A 185 -15.23 -2.42 -3.68
C ASP A 185 -16.28 -2.51 -2.57
N VAL A 186 -15.89 -2.34 -1.31
CA VAL A 186 -16.90 -2.37 -0.24
C VAL A 186 -17.78 -1.12 -0.27
N LEU A 187 -17.17 0.04 -0.51
CA LEU A 187 -17.94 1.27 -0.67
C LEU A 187 -19.06 1.10 -1.69
N MET A 188 -18.76 0.47 -2.83
CA MET A 188 -19.79 0.24 -3.83
C MET A 188 -20.97 -0.52 -3.23
N THR A 189 -20.66 -1.59 -2.48
CA THR A 189 -21.73 -2.38 -1.88
C THR A 189 -22.51 -1.58 -0.83
N VAL A 190 -21.81 -0.82 0.02
CA VAL A 190 -22.50 0.03 0.98
C VAL A 190 -23.40 1.01 0.24
N ILE A 191 -22.82 1.74 -0.73
CA ILE A 191 -23.56 2.75 -1.50
C ILE A 191 -24.80 2.15 -2.15
N LYS A 192 -24.67 0.94 -2.74
CA LYS A 192 -25.81 0.34 -3.41
C LYS A 192 -26.97 0.13 -2.45
N ASP A 193 -26.68 -0.25 -1.21
CA ASP A 193 -27.74 -0.43 -0.23
C ASP A 193 -28.28 0.91 0.27
N LEU A 194 -27.40 1.92 0.35
CA LEU A 194 -27.84 3.26 0.73
C LEU A 194 -28.91 3.80 -0.21
N LEU A 195 -28.78 3.55 -1.52
CA LEU A 195 -29.69 4.13 -2.52
C LEU A 195 -31.15 3.96 -2.15
N HIS A 196 -31.47 2.86 -1.48
CA HIS A 196 -32.86 2.58 -1.13
C HIS A 196 -33.41 3.55 -0.09
N PHE A 197 -32.54 4.18 0.70
CA PHE A 197 -32.99 5.12 1.73
C PHE A 197 -32.79 6.58 1.36
N ARG A 198 -32.17 6.86 0.21
CA ARG A 198 -31.86 8.21 -0.22
C ARG A 198 -32.39 8.32 -1.65
N SER A 199 -33.68 8.64 -1.76
CA SER A 199 -34.32 8.92 -3.03
C SER A 199 -33.58 10.00 -3.80
N ASP A 200 -33.14 11.04 -3.09
CA ASP A 200 -32.54 12.24 -3.70
C ASP A 200 -31.12 11.98 -4.21
N LEU A 201 -30.37 11.11 -3.53
CA LEU A 201 -28.92 11.00 -3.76
C LEU A 201 -28.63 10.52 -5.17
N LYS A 202 -27.58 11.10 -5.76
CA LYS A 202 -27.15 10.67 -7.07
C LYS A 202 -25.73 10.10 -6.98
N VAL A 203 -25.52 8.99 -7.69
CA VAL A 203 -24.27 8.25 -7.66
C VAL A 203 -23.75 8.13 -9.09
N ILE A 204 -22.51 8.54 -9.30
CA ILE A 204 -21.83 8.43 -10.61
C ILE A 204 -20.59 7.55 -10.45
N LEU A 205 -20.57 6.43 -11.16
CA LEU A 205 -19.40 5.55 -11.18
C LEU A 205 -18.55 5.84 -12.42
N MET A 206 -17.24 6.05 -12.22
CA MET A 206 -16.36 6.45 -13.32
C MET A 206 -15.25 5.44 -13.50
N SER A 207 -15.18 4.86 -14.69
CA SER A 207 -14.29 3.75 -14.95
C SER A 207 -13.58 3.95 -16.29
N ALA A 208 -12.32 3.54 -16.35
CA ALA A 208 -11.67 3.33 -17.65
C ALA A 208 -12.47 2.29 -18.44
N THR A 209 -12.34 2.35 -19.77
CA THR A 209 -13.32 1.73 -20.67
C THR A 209 -13.46 0.23 -20.45
N LEU A 210 -12.38 -0.46 -20.09
CA LEU A 210 -12.37 -1.92 -20.10
C LEU A 210 -13.24 -2.50 -18.98
N ASN A 211 -14.28 -3.25 -19.37
CA ASN A 211 -15.16 -3.98 -18.47
C ASN A 211 -16.07 -3.08 -17.65
N ALA A 212 -16.21 -1.82 -18.03
CA ALA A 212 -17.08 -0.92 -17.28
C ALA A 212 -18.53 -1.40 -17.28
N GLU A 213 -18.91 -2.29 -18.21
CA GLU A 213 -20.25 -2.84 -18.17
C GLU A 213 -20.47 -3.61 -16.88
N LYS A 214 -19.43 -4.30 -16.39
CA LYS A 214 -19.55 -5.07 -15.16
C LYS A 214 -20.12 -4.22 -14.01
N PHE A 215 -19.64 -2.98 -13.87
CA PHE A 215 -20.19 -2.10 -12.84
C PHE A 215 -21.64 -1.78 -13.12
N SER A 216 -21.98 -1.55 -14.39
CA SER A 216 -23.37 -1.33 -14.71
C SER A 216 -24.23 -2.50 -14.24
N GLU A 217 -23.79 -3.74 -14.50
CA GLU A 217 -24.58 -4.91 -14.15
C GLU A 217 -24.65 -5.14 -12.63
N TYR A 218 -23.66 -4.91 -11.88
CA TYR A 218 -23.70 -5.01 -10.42
C TYR A 218 -24.74 -4.06 -9.84
N PHE A 219 -24.91 -2.91 -10.48
CA PHE A 219 -25.86 -1.91 -10.04
C PHE A 219 -27.27 -2.04 -10.64
N GLY A 220 -27.54 -3.19 -11.26
CA GLY A 220 -28.87 -3.50 -11.74
C GLY A 220 -29.10 -3.06 -13.17
N ASN A 221 -28.00 -3.03 -13.93
CA ASN A 221 -28.01 -2.60 -15.31
C ASN A 221 -28.42 -1.14 -15.41
N CYS A 222 -27.76 -0.33 -14.59
CA CYS A 222 -27.94 1.11 -14.65
C CYS A 222 -27.51 1.67 -16.00
N PRO A 223 -28.00 2.87 -16.35
CA PRO A 223 -27.53 3.52 -17.58
C PRO A 223 -26.03 3.64 -17.58
N MET A 224 -25.45 3.67 -18.79
CA MET A 224 -24.01 3.76 -18.93
C MET A 224 -23.72 4.55 -20.20
N ILE A 225 -22.60 5.29 -20.18
CA ILE A 225 -22.27 6.23 -21.24
C ILE A 225 -20.76 6.25 -21.42
N HIS A 226 -20.30 6.09 -22.64
CA HIS A 226 -18.89 6.02 -22.91
C HIS A 226 -18.42 7.33 -23.50
N ILE A 227 -17.29 7.83 -23.03
CA ILE A 227 -16.66 8.99 -23.65
C ILE A 227 -15.58 8.48 -24.61
N PRO A 228 -15.79 8.57 -25.92
CA PRO A 228 -14.79 8.07 -26.86
C PRO A 228 -13.57 8.97 -26.92
N GLY A 229 -12.44 8.36 -27.21
CA GLY A 229 -11.21 9.08 -27.44
C GLY A 229 -10.49 8.46 -28.60
N PHE A 230 -9.60 9.24 -29.20
CA PHE A 230 -8.73 8.74 -30.25
C PHE A 230 -7.34 8.51 -29.69
N THR A 231 -6.79 7.33 -29.94
CA THR A 231 -5.38 7.07 -29.71
C THR A 231 -4.74 6.76 -31.05
N PHE A 232 -3.61 7.41 -31.30
CA PHE A 232 -2.86 7.11 -32.50
C PHE A 232 -2.31 5.70 -32.42
N PRO A 233 -2.02 5.09 -33.57
CA PRO A 233 -1.40 3.75 -33.57
C PRO A 233 -0.02 3.77 -32.90
N VAL A 234 0.29 2.69 -32.19
CA VAL A 234 1.52 2.56 -31.43
C VAL A 234 2.27 1.32 -31.89
N VAL A 235 3.51 1.49 -32.34
CA VAL A 235 4.39 0.33 -32.61
C VAL A 235 4.83 -0.31 -31.30
N GLU A 236 4.71 -1.64 -31.24
CA GLU A 236 5.12 -2.41 -30.06
C GLU A 236 6.42 -3.16 -30.30
N TYR A 237 7.20 -3.34 -29.24
CA TYR A 237 8.46 -4.06 -29.32
C TYR A 237 8.60 -4.99 -28.12
N LEU A 238 8.90 -6.25 -28.39
CA LEU A 238 9.25 -7.14 -27.31
C LEU A 238 10.76 -7.08 -27.02
N LEU A 239 11.18 -7.86 -26.02
CA LEU A 239 12.57 -7.86 -25.58
C LEU A 239 13.54 -8.21 -26.72
N GLU A 240 13.25 -9.28 -27.49
CA GLU A 240 14.07 -9.61 -28.68
C GLU A 240 14.31 -8.38 -29.55
N ASP A 241 13.25 -7.59 -29.80
CA ASP A 241 13.36 -6.44 -30.69
C ASP A 241 14.28 -5.38 -30.08
N ILE A 242 14.06 -5.05 -28.80
CA ILE A 242 14.91 -4.08 -28.11
C ILE A 242 16.37 -4.51 -28.10
N ILE A 243 16.61 -5.78 -27.77
CA ILE A 243 18.00 -6.25 -27.72
C ILE A 243 18.64 -6.11 -29.09
N GLU A 244 17.91 -6.44 -30.15
CA GLU A 244 18.47 -6.33 -31.49
C GLU A 244 18.70 -4.86 -31.86
N LYS A 245 17.69 -4.01 -31.63
CA LYS A 245 17.76 -2.62 -32.05
C LYS A 245 18.97 -1.91 -31.43
N ILE A 246 19.20 -2.09 -30.13
CA ILE A 246 20.30 -1.39 -29.47
C ILE A 246 21.54 -2.29 -29.29
N ARG A 247 21.54 -3.48 -29.89
CA ARG A 247 22.65 -4.45 -29.76
C ARG A 247 23.14 -4.51 -28.31
N TYR A 248 22.20 -4.75 -27.40
CA TYR A 248 22.49 -4.69 -25.98
C TYR A 248 23.39 -5.82 -25.54
N VAL A 249 24.38 -5.47 -24.70
CA VAL A 249 25.25 -6.45 -24.06
C VAL A 249 25.26 -6.14 -22.57
N PRO A 250 24.90 -7.09 -21.70
CA PRO A 250 24.96 -6.82 -20.26
C PRO A 250 26.39 -6.64 -19.80
N ASP A 251 26.57 -5.95 -18.68
CA ASP A 251 27.93 -5.67 -18.23
C ASP A 251 28.46 -6.84 -17.41
N GLN A 252 29.78 -7.03 -17.51
CA GLN A 252 30.54 -8.13 -16.95
C GLN A 252 30.99 -7.82 -15.53
N LYS A 253 31.69 -6.70 -15.42
CA LYS A 253 32.30 -6.22 -14.22
C LYS A 253 31.29 -5.63 -13.24
N GLU A 254 30.11 -5.30 -13.76
CA GLU A 254 28.96 -4.78 -13.03
C GLU A 254 28.23 -5.90 -12.32
N HIS A 255 27.80 -6.89 -13.09
CA HIS A 255 26.93 -7.98 -12.73
C HIS A 255 27.50 -8.90 -11.66
N ARG A 256 28.82 -8.92 -11.49
CA ARG A 256 29.45 -9.88 -10.59
C ARG A 256 29.11 -9.62 -9.12
N SER A 257 29.29 -10.66 -8.30
CA SER A 257 28.75 -10.76 -6.93
C SER A 257 27.26 -10.35 -6.91
N GLN A 258 26.45 -11.15 -7.61
CA GLN A 258 24.99 -11.18 -7.77
C GLN A 258 24.36 -11.53 -6.43
N PHE A 259 23.13 -11.00 -6.18
CA PHE A 259 22.49 -10.85 -4.86
C PHE A 259 21.44 -11.96 -4.61
N LYS A 260 21.72 -12.94 -3.74
CA LYS A 260 20.85 -14.12 -3.53
C LYS A 260 19.39 -13.74 -3.25
N ARG A 261 18.44 -14.55 -3.70
CA ARG A 261 17.01 -14.32 -3.50
C ARG A 261 16.30 -15.67 -3.69
N GLY A 262 15.00 -15.63 -4.00
CA GLY A 262 14.21 -16.86 -4.04
C GLY A 262 13.92 -17.40 -2.66
N PHE A 263 14.37 -18.64 -2.38
CA PHE A 263 14.15 -19.24 -1.08
C PHE A 263 14.87 -18.46 0.03
N MET A 264 16.13 -18.06 -0.18
CA MET A 264 16.91 -17.55 0.94
C MET A 264 16.59 -16.09 1.31
N GLN A 265 15.90 -15.33 0.46
CA GLN A 265 15.36 -14.05 0.92
C GLN A 265 13.84 -14.11 1.12
N GLY A 266 13.22 -15.26 0.85
CA GLY A 266 11.87 -15.55 1.29
C GLY A 266 10.74 -15.24 0.33
N HIS A 267 10.80 -15.73 -0.90
CA HIS A 267 9.76 -15.46 -1.89
C HIS A 267 8.67 -16.54 -1.79
N VAL A 268 7.54 -16.33 -2.48
CA VAL A 268 6.38 -17.17 -2.23
C VAL A 268 6.33 -18.39 -3.16
N ASN A 269 6.26 -18.18 -4.49
CA ASN A 269 5.99 -19.24 -5.48
C ASN A 269 4.73 -20.03 -5.13
N ARG A 270 3.60 -19.41 -5.48
CA ARG A 270 2.24 -19.92 -5.26
C ARG A 270 1.93 -21.11 -6.18
N GLN A 271 0.63 -21.44 -6.31
CA GLN A 271 0.21 -22.64 -7.02
C GLN A 271 0.25 -22.49 -8.54
N GLU A 272 -0.60 -21.62 -9.10
CA GLU A 272 -0.81 -21.61 -10.56
C GLU A 272 0.13 -20.66 -11.30
N LYS A 273 0.98 -19.90 -10.58
CA LYS A 273 2.18 -19.39 -11.25
C LYS A 273 3.05 -20.53 -11.74
N GLU A 274 3.25 -21.57 -10.89
CA GLU A 274 4.13 -22.68 -11.25
C GLU A 274 3.53 -23.50 -12.40
N GLU A 275 2.20 -23.57 -12.49
CA GLU A 275 1.59 -24.29 -13.61
C GLU A 275 1.90 -23.58 -14.92
N LYS A 276 1.69 -22.25 -14.96
CA LYS A 276 2.02 -21.48 -16.16
C LYS A 276 3.54 -21.51 -16.42
N GLU A 277 4.35 -21.48 -15.36
CA GLU A 277 5.79 -21.52 -15.57
C GLU A 277 6.29 -22.87 -16.03
N ALA A 278 5.53 -23.94 -15.77
CA ALA A 278 5.84 -25.22 -16.39
C ALA A 278 5.56 -25.18 -17.89
N ILE A 279 4.50 -24.48 -18.29
CA ILE A 279 4.23 -24.26 -19.71
C ILE A 279 5.38 -23.49 -20.35
N TYR A 280 5.81 -22.39 -19.70
CA TYR A 280 6.90 -21.58 -20.23
C TYR A 280 8.16 -22.41 -20.44
N LYS A 281 8.58 -23.21 -19.45
CA LYS A 281 9.88 -23.86 -19.68
C LYS A 281 9.75 -25.02 -20.66
N GLU A 282 8.53 -25.50 -20.90
CA GLU A 282 8.32 -26.55 -21.90
C GLU A 282 8.27 -25.98 -23.31
N ARG A 283 7.71 -24.78 -23.51
CA ARG A 283 7.72 -24.17 -24.83
C ARG A 283 9.00 -23.41 -25.15
N TRP A 284 9.98 -23.40 -24.23
CA TRP A 284 11.13 -22.50 -24.40
C TRP A 284 12.08 -22.97 -25.50
N PRO A 285 12.56 -24.22 -25.52
CA PRO A 285 13.47 -24.64 -26.61
C PRO A 285 12.94 -24.32 -27.98
N ALA A 286 11.65 -24.61 -28.23
CA ALA A 286 11.08 -24.37 -29.55
C ALA A 286 10.98 -22.87 -29.86
N TYR A 287 10.77 -22.04 -28.84
CA TYR A 287 10.76 -20.60 -29.06
C TYR A 287 12.15 -20.08 -29.43
N ILE A 288 13.18 -20.59 -28.75
CA ILE A 288 14.54 -20.14 -29.05
C ILE A 288 14.94 -20.55 -30.45
N LYS A 289 14.65 -21.79 -30.84
CA LYS A 289 15.06 -22.22 -32.18
C LYS A 289 14.42 -21.34 -33.24
N GLU A 290 13.15 -21.00 -33.05
CA GLU A 290 12.48 -20.15 -34.01
C GLU A 290 13.17 -18.79 -34.09
N LEU A 291 13.46 -18.20 -32.92
CA LEU A 291 14.07 -16.87 -32.87
C LEU A 291 15.37 -16.81 -33.65
N ARG A 292 16.15 -17.89 -33.64
CA ARG A 292 17.43 -17.86 -34.36
C ARG A 292 17.25 -17.75 -35.86
N THR A 293 16.03 -17.89 -36.37
CA THR A 293 15.81 -17.69 -37.79
C THR A 293 15.57 -16.22 -38.13
N ARG A 294 15.07 -15.42 -37.18
CA ARG A 294 14.72 -14.04 -37.44
C ARG A 294 15.65 -13.04 -36.76
N TYR A 295 16.46 -13.46 -35.80
CA TYR A 295 17.29 -12.53 -35.06
C TYR A 295 18.74 -13.01 -35.08
N SER A 296 19.64 -12.04 -34.99
CA SER A 296 21.07 -12.31 -34.95
C SER A 296 21.41 -13.24 -33.79
N ALA A 297 22.45 -14.04 -33.99
CA ALA A 297 22.91 -14.95 -32.95
C ALA A 297 23.16 -14.23 -31.64
N SER A 298 23.72 -13.02 -31.72
CA SER A 298 24.09 -12.31 -30.49
C SER A 298 22.85 -11.86 -29.72
N THR A 299 21.81 -11.40 -30.42
CA THR A 299 20.54 -11.11 -29.79
C THR A 299 20.02 -12.32 -29.00
N VAL A 300 20.04 -13.51 -29.62
CA VAL A 300 19.49 -14.68 -28.94
C VAL A 300 20.38 -15.12 -27.79
N ASP A 301 21.70 -14.98 -27.96
CA ASP A 301 22.62 -15.35 -26.88
C ASP A 301 22.38 -14.49 -25.65
N VAL A 302 22.14 -13.19 -25.85
CA VAL A 302 21.86 -12.30 -24.73
C VAL A 302 20.53 -12.66 -24.08
N LEU A 303 19.50 -12.83 -24.90
CA LEU A 303 18.17 -13.10 -24.36
C LEU A 303 18.16 -14.36 -23.52
N GLN A 304 18.87 -15.41 -23.97
CA GLN A 304 18.90 -16.65 -23.19
C GLN A 304 19.38 -16.39 -21.77
N MET A 305 20.28 -15.43 -21.61
CA MET A 305 20.88 -15.12 -20.34
C MET A 305 20.06 -14.16 -19.48
N MET A 306 18.94 -13.64 -19.98
CA MET A 306 18.24 -12.61 -19.24
C MET A 306 17.53 -13.19 -18.02
N ASP A 307 17.57 -12.44 -16.93
CA ASP A 307 17.01 -12.82 -15.64
C ASP A 307 15.53 -12.45 -15.58
N ASP A 308 14.68 -13.44 -15.27
CA ASP A 308 13.23 -13.27 -15.18
C ASP A 308 12.75 -12.60 -13.89
N ASP A 309 13.60 -12.50 -12.87
CA ASP A 309 13.14 -12.06 -11.56
C ASP A 309 13.19 -10.54 -11.39
N LYS A 310 14.27 -9.90 -11.82
CA LYS A 310 14.44 -8.48 -11.65
C LYS A 310 14.10 -7.74 -12.94
N VAL A 311 13.74 -6.47 -12.81
CA VAL A 311 13.74 -5.57 -13.95
C VAL A 311 15.17 -5.10 -14.19
N ASP A 312 15.67 -5.29 -15.41
CA ASP A 312 17.03 -4.88 -15.70
C ASP A 312 17.05 -3.38 -15.90
N LEU A 313 17.47 -2.66 -14.86
CA LEU A 313 17.52 -1.21 -14.95
C LEU A 313 18.58 -0.70 -15.91
N ASN A 314 19.66 -1.48 -16.14
CA ASN A 314 20.68 -1.04 -17.10
C ASN A 314 20.18 -1.13 -18.52
N LEU A 315 19.31 -2.10 -18.81
CA LEU A 315 18.70 -2.13 -20.14
C LEU A 315 17.80 -0.92 -20.35
N ILE A 316 16.99 -0.57 -19.34
CA ILE A 316 16.16 0.63 -19.46
C ILE A 316 17.04 1.85 -19.68
N ALA A 317 18.15 1.96 -18.94
CA ALA A 317 19.02 3.13 -19.11
C ALA A 317 19.56 3.18 -20.53
N ALA A 318 20.05 2.03 -21.03
CA ALA A 318 20.48 1.97 -22.41
C ALA A 318 19.36 2.40 -23.34
N LEU A 319 18.22 1.74 -23.24
CA LEU A 319 17.10 2.04 -24.12
C LEU A 319 16.73 3.52 -24.09
N ILE A 320 16.68 4.13 -22.90
CA ILE A 320 16.41 5.55 -22.85
C ILE A 320 17.43 6.31 -23.69
N ARG A 321 18.70 5.96 -23.53
CA ARG A 321 19.77 6.68 -24.23
C ARG A 321 19.65 6.51 -25.74
N TYR A 322 19.28 5.32 -26.21
CA TYR A 322 19.02 5.15 -27.64
C TYR A 322 17.90 6.05 -28.11
N ILE A 323 16.80 6.13 -27.34
CA ILE A 323 15.65 6.90 -27.81
C ILE A 323 16.01 8.37 -27.95
N VAL A 324 16.66 8.90 -26.93
CA VAL A 324 17.10 10.29 -26.86
C VAL A 324 17.95 10.67 -28.09
N LEU A 325 18.74 9.72 -28.59
CA LEU A 325 19.70 10.01 -29.64
C LEU A 325 19.26 9.56 -31.03
N GLU A 326 18.40 8.56 -31.13
CA GLU A 326 18.03 8.01 -32.43
C GLU A 326 16.60 8.31 -32.88
N GLU A 327 15.73 8.84 -32.02
CA GLU A 327 14.30 8.98 -32.31
C GLU A 327 13.86 10.44 -32.25
N GLU A 328 12.65 10.72 -32.77
CA GLU A 328 12.21 12.12 -32.81
C GLU A 328 11.74 12.61 -31.43
N ASP A 329 11.43 13.90 -31.35
CA ASP A 329 11.04 14.56 -30.09
C ASP A 329 9.82 13.93 -29.44
N GLY A 330 9.80 13.96 -28.11
CA GLY A 330 8.63 13.45 -27.43
C GLY A 330 9.02 12.95 -26.06
N ALA A 331 8.14 13.15 -25.09
CA ALA A 331 8.46 12.71 -23.75
C ALA A 331 8.46 11.18 -23.69
N ILE A 332 9.35 10.65 -22.84
CA ILE A 332 9.47 9.23 -22.55
C ILE A 332 8.86 8.97 -21.18
N LEU A 333 8.07 7.90 -21.08
CA LEU A 333 7.43 7.50 -19.84
C LEU A 333 7.87 6.09 -19.47
N VAL A 334 8.38 5.91 -18.25
CA VAL A 334 8.94 4.64 -17.79
C VAL A 334 8.10 4.11 -16.64
N PHE A 335 7.65 2.85 -16.77
CA PHE A 335 6.83 2.20 -15.76
C PHE A 335 7.68 1.21 -14.99
N LEU A 336 7.79 1.42 -13.67
CA LEU A 336 8.63 0.56 -12.83
C LEU A 336 7.83 0.04 -11.63
N PRO A 337 8.20 -1.14 -11.11
CA PRO A 337 7.38 -1.76 -10.04
C PRO A 337 7.23 -0.90 -8.80
N GLY A 338 8.31 -0.37 -8.23
CA GLY A 338 8.15 0.48 -7.05
C GLY A 338 9.23 1.54 -6.81
N TRP A 339 9.27 2.07 -5.60
CA TRP A 339 10.16 3.20 -5.30
C TRP A 339 11.63 2.81 -5.34
N ASP A 340 11.98 1.59 -4.93
CA ASP A 340 13.39 1.20 -5.00
C ASP A 340 13.93 1.35 -6.41
N ASN A 341 13.23 0.78 -7.39
CA ASN A 341 13.72 0.83 -8.77
C ASN A 341 13.71 2.25 -9.31
N ILE A 342 12.67 3.03 -8.98
CA ILE A 342 12.62 4.40 -9.47
C ILE A 342 13.86 5.16 -9.06
N SER A 343 14.15 5.22 -7.75
CA SER A 343 15.34 5.97 -7.34
C SER A 343 16.60 5.35 -7.89
N THR A 344 16.64 4.03 -8.03
CA THR A 344 17.85 3.44 -8.58
C THR A 344 18.06 3.92 -10.02
N LEU A 345 17.01 3.78 -10.86
CA LEU A 345 17.08 4.27 -12.23
C LEU A 345 17.43 5.73 -12.29
N HIS A 346 16.83 6.53 -11.42
CA HIS A 346 17.17 7.95 -11.37
C HIS A 346 18.66 8.12 -11.14
N ASP A 347 19.19 7.53 -10.07
CA ASP A 347 20.62 7.64 -9.81
C ASP A 347 21.44 7.06 -10.95
N LEU A 348 20.96 6.02 -11.63
CA LEU A 348 21.73 5.47 -12.73
C LEU A 348 21.87 6.49 -13.85
N LEU A 349 20.73 7.05 -14.30
CA LEU A 349 20.71 8.09 -15.33
C LEU A 349 21.67 9.23 -15.01
N MET A 350 21.53 9.83 -13.83
CA MET A 350 22.27 11.05 -13.58
C MET A 350 23.68 10.81 -13.06
N SER A 351 24.08 9.55 -12.92
CA SER A 351 25.50 9.22 -12.81
C SER A 351 26.23 9.35 -14.14
N GLN A 352 25.52 9.64 -15.24
CA GLN A 352 26.11 9.85 -16.56
C GLN A 352 26.10 11.33 -16.92
N VAL A 353 27.21 11.82 -17.49
CA VAL A 353 27.34 13.27 -17.69
C VAL A 353 26.35 13.76 -18.74
N MET A 354 25.98 12.91 -19.69
CA MET A 354 24.97 13.26 -20.69
C MET A 354 23.70 13.78 -20.03
N PHE A 355 23.07 12.95 -19.17
CA PHE A 355 21.80 13.35 -18.58
C PHE A 355 21.92 14.43 -17.51
N LYS A 356 23.13 14.73 -17.04
CA LYS A 356 23.24 15.75 -16.00
C LYS A 356 23.01 17.16 -16.54
N SER A 357 22.76 17.30 -17.85
CA SER A 357 22.54 18.53 -18.58
C SER A 357 21.14 19.12 -18.30
N ASP A 358 20.97 20.37 -18.73
CA ASP A 358 19.69 21.05 -18.68
C ASP A 358 18.83 20.76 -19.91
N LYS A 359 19.28 19.90 -20.81
CA LYS A 359 18.45 19.47 -21.92
C LYS A 359 17.70 18.19 -21.61
N PHE A 360 17.49 17.90 -20.32
CA PHE A 360 16.69 16.77 -19.85
C PHE A 360 15.97 17.16 -18.58
N LEU A 361 14.72 16.73 -18.48
CA LEU A 361 13.92 16.86 -17.27
C LEU A 361 13.50 15.47 -16.83
N ILE A 362 14.11 14.98 -15.75
CA ILE A 362 13.93 13.60 -15.30
C ILE A 362 13.16 13.64 -13.99
N ILE A 363 11.94 13.12 -14.01
CA ILE A 363 11.00 13.35 -12.93
C ILE A 363 10.56 11.99 -12.39
N PRO A 364 10.90 11.65 -11.15
CA PRO A 364 10.29 10.47 -10.52
C PRO A 364 8.87 10.79 -10.06
N LEU A 365 7.97 9.84 -10.27
CA LEU A 365 6.55 10.07 -10.06
C LEU A 365 5.94 8.87 -9.35
N HIS A 366 5.45 9.06 -8.13
CA HIS A 366 4.86 7.95 -7.40
C HIS A 366 3.87 8.47 -6.36
N SER A 367 3.12 7.53 -5.76
CA SER A 367 1.96 7.90 -4.95
C SER A 367 2.38 8.54 -3.63
N LEU A 368 3.51 8.14 -3.07
CA LEU A 368 4.00 8.78 -1.85
C LEU A 368 4.81 10.03 -2.13
N MET A 369 4.94 10.46 -3.38
CA MET A 369 5.61 11.70 -3.78
C MET A 369 5.07 12.88 -2.99
N PRO A 370 5.95 13.84 -2.66
CA PRO A 370 5.53 14.97 -1.84
C PRO A 370 4.56 15.88 -2.59
N THR A 371 4.05 16.89 -1.89
CA THR A 371 3.23 17.96 -2.46
C THR A 371 2.13 17.47 -3.41
N VAL A 372 2.18 18.01 -4.62
CA VAL A 372 1.20 17.82 -5.66
C VAL A 372 1.98 17.21 -6.84
N ASN A 373 1.31 17.00 -7.96
CA ASN A 373 1.98 16.57 -9.18
C ASN A 373 2.56 17.80 -9.89
N GLN A 374 2.48 18.92 -9.18
CA GLN A 374 3.01 20.23 -9.57
C GLN A 374 4.52 20.20 -9.81
N THR A 375 5.12 19.03 -9.59
CA THR A 375 6.52 18.75 -9.83
C THR A 375 6.96 19.13 -11.26
N GLN A 376 5.98 19.51 -12.08
CA GLN A 376 6.14 19.93 -13.46
C GLN A 376 6.22 18.71 -14.34
N VAL A 377 5.53 17.67 -13.89
CA VAL A 377 5.22 16.55 -14.74
C VAL A 377 4.44 17.01 -15.96
N PHE A 378 3.43 17.84 -15.71
CA PHE A 378 2.47 18.21 -16.73
C PHE A 378 2.97 19.28 -17.69
N LYS A 379 3.79 20.16 -17.22
CA LYS A 379 4.31 21.26 -17.99
C LYS A 379 5.05 20.74 -19.21
N LYS A 380 4.98 21.48 -20.32
CA LYS A 380 5.56 21.05 -21.57
C LYS A 380 7.02 21.47 -21.66
N THR A 381 7.82 20.66 -22.32
CA THR A 381 9.22 21.01 -22.45
C THR A 381 9.43 21.83 -23.71
N PRO A 382 10.19 22.94 -23.64
CA PRO A 382 10.56 23.67 -24.86
C PRO A 382 11.23 22.73 -25.86
N PRO A 383 11.31 23.12 -27.13
CA PRO A 383 12.01 22.27 -28.11
C PRO A 383 13.47 22.10 -27.72
N GLY A 384 13.95 20.87 -27.81
CA GLY A 384 15.31 20.54 -27.44
C GLY A 384 15.48 19.91 -26.07
N VAL A 385 14.61 20.27 -25.10
CA VAL A 385 14.64 19.68 -23.77
C VAL A 385 13.70 18.48 -23.72
N ARG A 386 14.19 17.35 -23.21
CA ARG A 386 13.42 16.10 -23.20
C ARG A 386 12.97 15.68 -21.80
N LYS A 387 11.67 15.50 -21.65
CA LYS A 387 11.10 15.12 -20.37
C LYS A 387 11.13 13.59 -20.28
N ILE A 388 11.80 13.06 -19.25
CA ILE A 388 11.74 11.64 -18.92
C ILE A 388 10.97 11.51 -17.62
N VAL A 389 9.92 10.69 -17.62
CA VAL A 389 9.12 10.47 -16.42
C VAL A 389 9.25 9.00 -16.04
N ILE A 390 9.68 8.75 -14.81
CA ILE A 390 9.92 7.42 -14.27
C ILE A 390 8.87 7.17 -13.21
N ALA A 391 7.98 6.21 -13.44
CA ALA A 391 6.79 6.12 -12.61
C ALA A 391 6.42 4.67 -12.29
N THR A 392 5.45 4.53 -11.41
CA THR A 392 4.78 3.26 -11.12
C THR A 392 3.50 3.20 -11.95
N ASN A 393 2.65 2.20 -11.68
CA ASN A 393 1.40 2.01 -12.42
C ASN A 393 0.36 3.12 -12.19
N ILE A 394 0.62 4.11 -11.33
CA ILE A 394 -0.32 5.23 -11.22
C ILE A 394 -0.35 6.10 -12.47
N ALA A 395 0.63 5.97 -13.36
CA ALA A 395 0.51 6.67 -14.63
C ALA A 395 -0.16 5.80 -15.69
N GLU A 396 -0.58 4.58 -15.32
CA GLU A 396 -1.43 3.80 -16.20
C GLU A 396 -2.79 4.46 -16.38
N THR A 397 -3.47 4.83 -15.28
CA THR A 397 -4.80 5.46 -15.45
C THR A 397 -5.01 6.76 -14.70
N SER A 398 -4.49 6.89 -13.48
CA SER A 398 -4.81 8.05 -12.67
C SER A 398 -4.28 9.33 -13.30
N ILE A 399 -3.10 9.26 -13.92
CA ILE A 399 -2.35 10.42 -14.39
C ILE A 399 -2.12 10.26 -15.88
N THR A 400 -2.25 11.37 -16.61
CA THR A 400 -2.01 11.40 -18.05
C THR A 400 -1.10 12.58 -18.37
N ILE A 401 0.03 12.30 -19.00
CA ILE A 401 0.94 13.33 -19.49
C ILE A 401 0.75 13.47 -20.99
N ASP A 402 0.45 14.66 -21.45
CA ASP A 402 -0.09 14.73 -22.80
C ASP A 402 0.98 14.52 -23.87
N ASP A 403 2.23 14.94 -23.65
CA ASP A 403 3.23 14.90 -24.70
C ASP A 403 4.04 13.60 -24.73
N VAL A 404 3.57 12.51 -24.13
CA VAL A 404 4.34 11.27 -24.11
C VAL A 404 4.31 10.62 -25.49
N VAL A 405 5.48 10.24 -25.99
CA VAL A 405 5.57 9.57 -27.28
C VAL A 405 6.23 8.21 -27.18
N TYR A 406 7.08 7.98 -26.20
CA TYR A 406 7.78 6.72 -26.01
C TYR A 406 7.41 6.19 -24.65
N VAL A 407 7.10 4.90 -24.59
CA VAL A 407 6.70 4.27 -23.33
C VAL A 407 7.58 3.06 -23.15
N ILE A 408 8.28 3.00 -22.03
CA ILE A 408 9.06 1.83 -21.66
C ILE A 408 8.32 1.12 -20.54
N ASP A 409 7.87 -0.08 -20.84
CA ASP A 409 7.11 -0.89 -19.90
C ASP A 409 8.05 -1.92 -19.30
N GLY A 410 8.43 -1.71 -18.05
CA GLY A 410 9.27 -2.68 -17.36
C GLY A 410 8.66 -4.07 -17.24
N GLY A 411 7.36 -4.22 -17.55
CA GLY A 411 6.70 -5.52 -17.53
C GLY A 411 6.30 -6.06 -16.17
N LYS A 412 6.59 -5.33 -15.09
CA LYS A 412 6.37 -5.84 -13.74
C LYS A 412 5.51 -4.86 -12.96
N ILE A 413 4.76 -5.40 -12.01
CA ILE A 413 3.88 -4.63 -11.13
C ILE A 413 3.92 -5.33 -9.78
N LYS A 414 3.80 -4.56 -8.70
CA LYS A 414 3.78 -5.16 -7.36
C LYS A 414 2.36 -5.53 -6.97
N GLU A 415 2.18 -6.79 -6.56
CA GLU A 415 0.91 -7.36 -6.15
C GLU A 415 1.07 -7.90 -4.74
N THR A 416 0.08 -7.67 -3.89
CA THR A 416 -0.04 -8.51 -2.72
C THR A 416 -0.55 -9.88 -3.14
N HIS A 417 -0.13 -10.93 -2.43
CA HIS A 417 -0.71 -12.24 -2.64
C HIS A 417 -0.85 -12.93 -1.30
N PHE A 418 -1.73 -13.95 -1.27
CA PHE A 418 -2.18 -14.62 -0.05
C PHE A 418 -2.44 -16.08 -0.38
N ASP A 419 -1.70 -17.00 0.25
CA ASP A 419 -1.90 -18.42 0.02
C ASP A 419 -2.60 -19.03 1.23
N THR A 420 -3.83 -19.52 1.02
CA THR A 420 -4.69 -19.94 2.10
C THR A 420 -4.40 -21.34 2.62
N GLN A 421 -3.77 -22.20 1.81
CA GLN A 421 -3.54 -23.56 2.29
C GLN A 421 -2.41 -23.60 3.31
N ASN A 422 -1.30 -22.87 3.06
CA ASN A 422 -0.29 -22.81 4.13
C ASN A 422 -0.21 -21.46 4.84
N ASN A 423 -1.14 -20.53 4.56
CA ASN A 423 -1.34 -19.34 5.37
C ASN A 423 -0.11 -18.43 5.35
N ILE A 424 0.17 -17.91 4.16
CA ILE A 424 1.33 -17.08 3.87
C ILE A 424 0.85 -15.89 3.06
N SER A 425 1.23 -14.68 3.45
CA SER A 425 0.86 -13.43 2.77
C SER A 425 2.11 -12.69 2.34
N THR A 426 2.27 -12.49 1.03
CA THR A 426 3.48 -11.91 0.45
C THR A 426 3.14 -10.71 -0.43
N MET A 427 4.18 -9.95 -0.74
CA MET A 427 4.15 -8.94 -1.78
C MET A 427 5.38 -9.12 -2.64
N SER A 428 5.24 -8.96 -3.95
CA SER A 428 6.33 -9.29 -4.86
C SER A 428 6.07 -8.61 -6.20
N ALA A 429 7.11 -8.57 -7.02
CA ALA A 429 6.96 -8.11 -8.39
C ALA A 429 6.43 -9.24 -9.26
N GLU A 430 5.39 -8.95 -9.99
CA GLU A 430 4.69 -9.91 -10.82
C GLU A 430 4.63 -9.34 -12.23
N TRP A 431 4.38 -10.21 -13.19
CA TRP A 431 4.23 -9.74 -14.57
C TRP A 431 2.93 -8.97 -14.70
N VAL A 432 2.97 -7.89 -15.49
CA VAL A 432 1.74 -7.20 -15.88
C VAL A 432 0.79 -8.18 -16.54
N SER A 433 -0.50 -7.83 -16.56
CA SER A 433 -1.45 -8.55 -17.42
C SER A 433 -1.46 -7.96 -18.84
N LYS A 434 -2.09 -8.72 -19.74
CA LYS A 434 -2.38 -8.20 -21.08
C LYS A 434 -3.16 -6.88 -21.02
N ALA A 435 -4.11 -6.76 -20.09
CA ALA A 435 -4.88 -5.54 -19.99
C ALA A 435 -3.99 -4.36 -19.56
N ASN A 436 -3.18 -4.56 -18.51
CA ASN A 436 -2.21 -3.54 -18.13
C ASN A 436 -1.27 -3.22 -19.29
N ALA A 437 -0.82 -4.24 -20.01
CA ALA A 437 0.15 -3.97 -21.08
C ALA A 437 -0.49 -3.13 -22.17
N LYS A 438 -1.77 -3.39 -22.46
CA LYS A 438 -2.50 -2.60 -23.44
C LYS A 438 -2.72 -1.16 -22.94
N GLN A 439 -3.06 -0.97 -21.65
CA GLN A 439 -3.20 0.39 -21.15
C GLN A 439 -1.86 1.13 -21.21
N ARG A 440 -0.76 0.46 -20.89
CA ARG A 440 0.53 1.11 -20.93
C ARG A 440 0.87 1.55 -22.35
N LYS A 441 0.60 0.69 -23.33
CA LYS A 441 0.90 1.02 -24.73
C LYS A 441 0.15 2.27 -25.17
N GLY A 442 -1.10 2.44 -24.71
CA GLY A 442 -1.92 3.55 -25.14
C GLY A 442 -1.39 4.89 -24.69
N ARG A 443 -0.67 4.94 -23.56
CA ARG A 443 -0.14 6.23 -23.12
C ARG A 443 0.80 6.85 -24.15
N ALA A 444 1.18 6.10 -25.17
CA ALA A 444 2.12 6.58 -26.17
C ALA A 444 1.45 7.04 -27.45
N GLY A 445 0.11 7.01 -27.53
CA GLY A 445 -0.59 7.31 -28.76
C GLY A 445 -1.51 8.49 -28.57
N ARG A 446 -1.21 9.32 -27.58
CA ARG A 446 -2.13 10.39 -27.23
C ARG A 446 -2.05 11.59 -28.18
N VAL A 447 -0.85 12.02 -28.54
CA VAL A 447 -0.72 13.17 -29.42
C VAL A 447 -0.25 12.81 -30.82
N GLN A 448 0.30 11.63 -31.01
CA GLN A 448 0.90 11.31 -32.29
C GLN A 448 1.21 9.81 -32.34
N PRO A 449 1.66 9.29 -33.47
CA PRO A 449 2.13 7.90 -33.51
C PRO A 449 3.26 7.65 -32.51
N GLY A 450 3.09 6.63 -31.68
CA GLY A 450 4.09 6.38 -30.66
C GLY A 450 4.76 5.01 -30.67
N HIS A 451 5.55 4.77 -29.64
CA HIS A 451 6.33 3.55 -29.52
C HIS A 451 6.23 3.09 -28.08
N CYS A 452 6.04 1.78 -27.91
CA CYS A 452 5.96 1.15 -26.60
C CYS A 452 6.90 -0.04 -26.61
N TYR A 453 7.87 -0.05 -25.68
CA TYR A 453 8.89 -1.10 -25.59
C TYR A 453 8.59 -1.94 -24.35
N HIS A 454 8.19 -3.19 -24.56
CA HIS A 454 7.87 -4.09 -23.46
C HIS A 454 9.11 -4.92 -23.15
N LEU A 455 9.49 -4.99 -21.88
CA LEU A 455 10.70 -5.69 -21.45
C LEU A 455 10.45 -7.15 -21.12
N TYR A 456 9.57 -7.82 -21.85
CA TYR A 456 9.38 -9.25 -21.74
C TYR A 456 9.47 -9.87 -23.14
N ASN A 457 9.89 -11.14 -23.20
CA ASN A 457 10.07 -11.70 -24.53
C ASN A 457 8.75 -12.21 -25.12
N GLY A 458 8.84 -12.64 -26.39
CA GLY A 458 7.64 -13.07 -27.09
C GLY A 458 6.96 -14.23 -26.41
N LEU A 459 7.76 -15.19 -25.93
CA LEU A 459 7.21 -16.32 -25.18
C LEU A 459 6.45 -15.85 -23.96
N ARG A 460 7.07 -14.97 -23.16
CA ARG A 460 6.38 -14.50 -21.97
C ARG A 460 5.09 -13.75 -22.32
N ALA A 461 5.14 -12.89 -23.36
CA ALA A 461 3.95 -12.10 -23.75
C ALA A 461 2.75 -12.98 -23.98
N SER A 462 2.96 -14.12 -24.65
CA SER A 462 1.86 -14.99 -24.97
C SER A 462 1.32 -15.73 -23.73
N LEU A 463 2.09 -15.83 -22.65
CA LEU A 463 1.64 -16.52 -21.46
C LEU A 463 1.17 -15.59 -20.33
N LEU A 464 1.11 -14.28 -20.55
CA LEU A 464 0.60 -13.38 -19.52
C LEU A 464 -0.87 -13.69 -19.20
N ASP A 465 -1.26 -13.44 -17.95
CA ASP A 465 -2.67 -13.47 -17.57
C ASP A 465 -3.42 -12.37 -18.31
N ASP A 466 -4.71 -12.58 -18.54
CA ASP A 466 -5.41 -11.56 -19.32
C ASP A 466 -5.76 -10.35 -18.47
N TYR A 467 -6.05 -10.53 -17.19
CA TYR A 467 -6.35 -9.41 -16.31
C TYR A 467 -5.66 -9.63 -14.98
N GLN A 468 -5.37 -8.55 -14.29
CA GLN A 468 -5.00 -8.65 -12.90
C GLN A 468 -6.25 -8.93 -12.07
N LEU A 469 -6.12 -9.80 -11.07
CA LEU A 469 -7.23 -10.10 -10.18
C LEU A 469 -7.48 -8.97 -9.18
N PRO A 470 -8.74 -8.70 -8.86
CA PRO A 470 -9.05 -7.66 -7.85
C PRO A 470 -8.42 -8.01 -6.51
N GLU A 471 -7.96 -6.97 -5.80
CA GLU A 471 -7.27 -7.17 -4.52
C GLU A 471 -8.07 -8.02 -3.54
N ILE A 472 -9.39 -7.91 -3.57
CA ILE A 472 -10.26 -8.70 -2.70
C ILE A 472 -9.98 -10.20 -2.88
N LEU A 473 -9.56 -10.61 -4.06
CA LEU A 473 -9.32 -12.03 -4.31
C LEU A 473 -7.88 -12.48 -4.03
N ARG A 474 -6.96 -11.56 -3.72
CA ARG A 474 -5.58 -11.96 -3.47
C ARG A 474 -4.97 -11.38 -2.18
N THR A 475 -5.69 -10.53 -1.43
CA THR A 475 -5.14 -9.84 -0.28
C THR A 475 -5.73 -10.38 1.00
N PRO A 476 -4.95 -10.50 2.08
CA PRO A 476 -5.54 -10.94 3.36
C PRO A 476 -6.62 -9.97 3.77
N LEU A 477 -7.58 -10.45 4.54
CA LEU A 477 -8.82 -9.72 4.68
C LEU A 477 -9.01 -9.09 6.06
N GLU A 478 -7.99 -9.13 6.94
CA GLU A 478 -8.19 -8.76 8.34
C GLU A 478 -8.56 -7.30 8.51
N GLU A 479 -7.96 -6.40 7.73
CA GLU A 479 -8.32 -4.99 7.87
C GLU A 479 -9.77 -4.76 7.44
N LEU A 480 -10.17 -5.37 6.34
CA LEU A 480 -11.54 -5.25 5.86
C LEU A 480 -12.53 -5.67 6.92
N CYS A 481 -12.27 -6.84 7.53
CA CYS A 481 -13.23 -7.40 8.49
C CYS A 481 -13.43 -6.49 9.69
N LEU A 482 -12.37 -5.78 10.13
CA LEU A 482 -12.56 -4.80 11.20
C LEU A 482 -13.47 -3.66 10.76
N GLN A 483 -13.28 -3.16 9.53
CA GLN A 483 -14.14 -2.12 8.98
C GLN A 483 -15.61 -2.55 8.98
N ILE A 484 -15.89 -3.80 8.57
CA ILE A 484 -17.26 -4.28 8.49
C ILE A 484 -17.94 -4.28 9.85
N LYS A 485 -17.20 -4.59 10.91
CA LYS A 485 -17.89 -4.59 12.20
C LYS A 485 -17.93 -3.20 12.81
N ILE A 486 -16.88 -2.38 12.64
CA ILE A 486 -16.94 -1.01 13.13
C ILE A 486 -18.08 -0.22 12.49
N LEU A 487 -18.49 -0.61 11.27
CA LEU A 487 -19.61 0.00 10.57
C LEU A 487 -20.94 -0.73 10.78
N ARG A 488 -20.96 -1.80 11.60
CA ARG A 488 -22.18 -2.56 11.91
C ARG A 488 -22.88 -3.01 10.64
N LEU A 489 -22.09 -3.42 9.66
CA LEU A 489 -22.62 -3.91 8.41
C LEU A 489 -23.12 -5.34 8.53
N GLY A 490 -22.97 -5.94 9.70
CA GLY A 490 -23.56 -7.24 9.95
C GLY A 490 -22.54 -8.35 10.03
N GLY A 491 -22.92 -9.54 9.57
CA GLY A 491 -21.99 -10.65 9.61
C GLY A 491 -20.87 -10.44 8.60
N ILE A 492 -19.66 -10.77 9.04
CA ILE A 492 -18.48 -10.56 8.21
C ILE A 492 -18.58 -11.41 6.94
N ALA A 493 -18.66 -12.73 7.08
CA ALA A 493 -18.73 -13.59 5.89
C ALA A 493 -19.91 -13.22 5.00
N TYR A 494 -21.06 -12.92 5.60
CA TYR A 494 -22.24 -12.63 4.79
C TYR A 494 -22.04 -11.38 3.95
N PHE A 495 -21.49 -10.33 4.55
CA PHE A 495 -21.29 -9.09 3.81
C PHE A 495 -20.34 -9.30 2.64
N LEU A 496 -19.16 -9.89 2.91
CA LEU A 496 -18.17 -10.12 1.86
C LEU A 496 -18.76 -10.91 0.70
N SER A 497 -19.60 -11.89 1.00
CA SER A 497 -20.22 -12.65 -0.08
C SER A 497 -21.03 -11.76 -1.02
N ARG A 498 -21.39 -10.55 -0.61
CA ARG A 498 -22.24 -9.70 -1.46
C ARG A 498 -21.42 -8.78 -2.36
N LEU A 499 -20.10 -8.80 -2.23
CA LEU A 499 -19.24 -7.93 -3.03
C LEU A 499 -19.34 -8.28 -4.52
N MET A 500 -18.93 -7.33 -5.36
CA MET A 500 -18.95 -7.58 -6.80
C MET A 500 -18.12 -8.83 -7.16
N ASP A 501 -16.97 -9.02 -6.51
CA ASP A 501 -16.19 -10.27 -6.62
C ASP A 501 -15.97 -10.81 -5.22
N PRO A 502 -16.77 -11.76 -4.77
CA PRO A 502 -16.66 -12.21 -3.37
C PRO A 502 -15.40 -13.03 -3.15
N PRO A 503 -14.73 -12.83 -2.02
CA PRO A 503 -13.50 -13.60 -1.73
C PRO A 503 -13.82 -15.05 -1.42
N SER A 504 -12.78 -15.89 -1.53
CA SER A 504 -12.92 -17.30 -1.21
C SER A 504 -13.30 -17.46 0.25
N ASN A 505 -14.04 -18.54 0.54
CA ASN A 505 -14.48 -18.69 1.91
C ASN A 505 -13.31 -19.00 2.85
N GLU A 506 -12.29 -19.75 2.39
CA GLU A 506 -11.12 -20.00 3.24
C GLU A 506 -10.39 -18.71 3.61
N ALA A 507 -10.28 -17.76 2.67
CA ALA A 507 -9.64 -16.50 3.01
C ALA A 507 -10.36 -15.79 4.15
N VAL A 508 -11.70 -15.86 4.14
CA VAL A 508 -12.51 -15.17 5.15
C VAL A 508 -12.34 -15.83 6.52
N VAL A 509 -12.46 -17.17 6.56
CA VAL A 509 -12.29 -17.92 7.81
C VAL A 509 -10.90 -17.72 8.38
N LEU A 510 -9.87 -17.79 7.53
CA LEU A 510 -8.52 -17.55 8.03
C LEU A 510 -8.41 -16.15 8.63
N SER A 511 -8.95 -15.13 7.95
CA SER A 511 -8.81 -13.78 8.50
C SER A 511 -9.55 -13.62 9.82
N ILE A 512 -10.74 -14.23 9.95
CA ILE A 512 -11.46 -14.08 11.20
C ILE A 512 -10.76 -14.80 12.33
N LYS A 513 -10.20 -15.99 12.04
CA LYS A 513 -9.41 -16.69 13.06
C LYS A 513 -8.25 -15.82 13.52
N HIS A 514 -7.57 -15.16 12.57
CA HIS A 514 -6.40 -14.36 12.91
C HIS A 514 -6.79 -13.24 13.86
N LEU A 515 -7.89 -12.52 13.55
CA LEU A 515 -8.34 -11.43 14.41
C LEU A 515 -8.70 -11.92 15.80
N MET A 516 -9.20 -13.16 15.89
CA MET A 516 -9.51 -13.75 17.19
C MET A 516 -8.25 -14.06 17.99
N GLU A 517 -7.28 -14.73 17.36
CA GLU A 517 -6.00 -15.01 18.01
C GLU A 517 -5.32 -13.71 18.44
N LEU A 518 -5.55 -12.60 17.73
CA LEU A 518 -5.01 -11.30 18.08
C LEU A 518 -5.81 -10.56 19.13
N SER A 519 -6.95 -11.10 19.57
CA SER A 519 -7.85 -10.45 20.52
C SER A 519 -8.52 -9.21 19.95
N ALA A 520 -8.59 -9.07 18.64
CA ALA A 520 -9.36 -7.98 18.06
C ALA A 520 -10.85 -8.30 18.03
N LEU A 521 -11.19 -9.56 17.85
CA LEU A 521 -12.56 -10.03 18.00
C LEU A 521 -12.62 -11.01 19.17
N ASP A 522 -13.77 -11.02 19.85
CA ASP A 522 -14.07 -12.08 20.79
C ASP A 522 -14.55 -13.30 20.00
N LYS A 523 -15.05 -14.34 20.70
CA LYS A 523 -15.46 -15.55 19.98
C LYS A 523 -16.88 -15.47 19.44
N GLN A 524 -17.65 -14.41 19.74
CA GLN A 524 -18.88 -14.11 19.02
C GLN A 524 -18.65 -13.20 17.82
N GLU A 525 -17.40 -13.07 17.36
CA GLU A 525 -17.04 -12.22 16.23
C GLU A 525 -17.46 -10.77 16.44
N GLU A 526 -17.28 -10.25 17.66
CA GLU A 526 -17.54 -8.85 17.92
C GLU A 526 -16.30 -8.13 18.42
N LEU A 527 -16.21 -6.83 18.09
CA LEU A 527 -15.06 -6.00 18.43
C LEU A 527 -14.77 -6.00 19.93
N THR A 528 -13.48 -6.16 20.27
CA THR A 528 -12.92 -5.86 21.58
C THR A 528 -12.42 -4.44 21.59
N PRO A 529 -12.26 -3.85 22.77
CA PRO A 529 -11.64 -2.52 22.84
C PRO A 529 -10.40 -2.43 21.95
N LEU A 530 -9.54 -3.45 22.02
CA LEU A 530 -8.34 -3.45 21.20
C LEU A 530 -8.68 -3.39 19.71
N GLY A 531 -9.73 -4.09 19.29
CA GLY A 531 -10.10 -4.09 17.88
C GLY A 531 -10.61 -2.74 17.39
N VAL A 532 -11.29 -1.99 18.26
CA VAL A 532 -11.72 -0.66 17.85
C VAL A 532 -10.51 0.21 17.56
N HIS A 533 -9.45 0.07 18.35
CA HIS A 533 -8.27 0.88 18.09
C HIS A 533 -7.52 0.37 16.87
N LEU A 534 -7.45 -0.94 16.70
CA LEU A 534 -6.84 -1.45 15.48
C LEU A 534 -7.59 -0.98 14.22
N ALA A 535 -8.91 -0.85 14.30
CA ALA A 535 -9.64 -0.44 13.09
C ALA A 535 -9.33 1.00 12.72
N ARG A 536 -8.96 1.82 13.71
CA ARG A 536 -8.54 3.18 13.49
C ARG A 536 -7.16 3.29 12.89
N LEU A 537 -6.44 2.19 12.74
CA LEU A 537 -5.12 2.26 12.13
C LEU A 537 -5.18 1.68 10.73
N PRO A 538 -4.66 2.39 9.74
CA PRO A 538 -4.64 1.91 8.35
C PRO A 538 -3.46 0.98 8.05
N VAL A 539 -3.34 -0.10 8.84
CA VAL A 539 -2.28 -1.09 8.71
C VAL A 539 -2.87 -2.47 8.96
N GLU A 540 -2.15 -3.50 8.51
CA GLU A 540 -2.45 -4.86 8.88
C GLU A 540 -2.57 -4.95 10.40
N PRO A 541 -3.67 -5.51 10.94
CA PRO A 541 -3.90 -5.54 12.40
C PRO A 541 -2.73 -6.04 13.25
N HIS A 542 -1.99 -7.07 12.84
CA HIS A 542 -0.89 -7.58 13.66
C HIS A 542 0.23 -6.53 13.77
N ILE A 543 0.57 -5.87 12.67
CA ILE A 543 1.41 -4.69 12.72
C ILE A 543 0.76 -3.58 13.54
N GLY A 544 -0.57 -3.49 13.49
CA GLY A 544 -1.25 -2.47 14.28
C GLY A 544 -1.03 -2.70 15.76
N LYS A 545 -1.31 -3.91 16.22
CA LYS A 545 -1.18 -4.25 17.64
C LYS A 545 0.25 -4.00 18.12
N MET A 546 1.25 -4.33 17.30
CA MET A 546 2.64 -4.15 17.68
C MET A 546 2.99 -2.67 17.82
N ILE A 547 2.67 -1.85 16.82
CA ILE A 547 3.01 -0.43 16.94
C ILE A 547 2.14 0.21 18.00
N LEU A 548 0.92 -0.30 18.18
CA LEU A 548 0.05 0.23 19.22
C LEU A 548 0.66 0.04 20.59
N PHE A 549 1.20 -1.15 20.87
CA PHE A 549 1.76 -1.37 22.18
C PHE A 549 3.16 -0.78 22.32
N GLY A 550 3.86 -0.54 21.20
CA GLY A 550 5.13 0.16 21.27
C GLY A 550 4.98 1.58 21.79
N ALA A 551 3.82 2.17 21.58
CA ALA A 551 3.50 3.45 22.20
C ALA A 551 3.01 3.27 23.63
N LEU A 552 2.19 2.26 23.88
CA LEU A 552 1.65 2.03 25.22
C LEU A 552 2.77 1.73 26.21
N PHE A 553 3.76 0.95 25.79
CA PHE A 553 4.86 0.51 26.63
C PHE A 553 6.10 1.36 26.44
N CYS A 554 6.02 2.43 25.67
CA CYS A 554 7.05 3.46 25.63
C CYS A 554 8.38 2.92 25.12
N CYS A 555 8.33 2.08 24.09
CA CYS A 555 9.51 1.56 23.42
C CYS A 555 9.46 1.87 21.91
N LEU A 556 8.98 3.07 21.58
CA LEU A 556 8.44 3.34 20.25
C LEU A 556 9.46 3.13 19.13
N ASP A 557 10.64 3.74 19.24
CA ASP A 557 11.56 3.76 18.11
C ASP A 557 11.99 2.36 17.64
N PRO A 558 12.43 1.43 18.50
CA PRO A 558 12.77 0.10 17.98
C PRO A 558 11.57 -0.70 17.48
N VAL A 559 10.40 -0.55 18.11
CA VAL A 559 9.20 -1.23 17.65
C VAL A 559 8.83 -0.80 16.23
N LEU A 560 8.83 0.52 15.97
CA LEU A 560 8.49 1.01 14.64
C LEU A 560 9.47 0.48 13.59
N THR A 561 10.74 0.38 13.95
CA THR A 561 11.73 -0.24 13.07
C THR A 561 11.34 -1.67 12.72
N ILE A 562 11.10 -2.51 13.73
CA ILE A 562 10.72 -3.88 13.46
C ILE A 562 9.44 -3.93 12.67
N ALA A 563 8.47 -3.11 13.07
CA ALA A 563 7.21 -3.06 12.35
C ALA A 563 7.44 -2.71 10.89
N ALA A 564 8.31 -1.72 10.63
CA ALA A 564 8.59 -1.35 9.24
C ALA A 564 9.19 -2.52 8.48
N SER A 565 10.18 -3.20 9.05
CA SER A 565 10.80 -4.34 8.36
C SER A 565 9.80 -5.49 8.15
N LEU A 566 8.95 -5.81 9.14
CA LEU A 566 7.94 -6.84 8.90
C LEU A 566 6.96 -6.43 7.81
N SER A 567 6.62 -5.13 7.73
CA SER A 567 5.69 -4.65 6.72
C SER A 567 6.27 -4.73 5.32
N PHE A 568 7.55 -4.43 5.16
CA PHE A 568 8.15 -4.34 3.84
C PHE A 568 9.21 -5.43 3.67
N LYS A 569 10.36 -5.32 4.33
CA LYS A 569 11.42 -6.32 4.29
C LYS A 569 12.62 -5.84 5.08
N ASP A 570 13.48 -6.80 5.46
CA ASP A 570 14.69 -6.51 6.21
C ASP A 570 15.75 -5.91 5.30
N PRO A 571 16.69 -5.15 5.88
CA PRO A 571 17.72 -4.48 5.07
C PRO A 571 18.88 -5.35 4.64
N PHE A 572 18.92 -6.63 4.99
CA PHE A 572 20.10 -7.44 4.69
C PHE A 572 20.08 -7.97 3.26
N VAL A 573 21.24 -7.94 2.62
CA VAL A 573 21.44 -8.56 1.31
C VAL A 573 22.63 -9.52 1.39
N ILE A 574 22.54 -10.62 0.66
CA ILE A 574 23.64 -11.59 0.64
C ILE A 574 24.15 -11.73 -0.79
N PRO A 575 25.36 -11.27 -1.07
CA PRO A 575 25.97 -11.54 -2.36
C PRO A 575 26.38 -13.00 -2.48
N LEU A 576 26.22 -13.54 -3.70
CA LEU A 576 26.55 -14.94 -3.98
C LEU A 576 28.02 -15.23 -3.73
N GLY A 577 28.28 -16.35 -3.06
CA GLY A 577 29.63 -16.73 -2.67
C GLY A 577 30.11 -16.04 -1.42
N LYS A 578 29.52 -14.91 -1.06
CA LYS A 578 29.80 -14.21 0.17
C LYS A 578 28.81 -14.58 1.27
N GLU A 579 28.09 -15.70 1.10
CA GLU A 579 27.09 -16.11 2.06
C GLU A 579 27.68 -16.22 3.46
N LYS A 580 28.84 -16.87 3.58
CA LYS A 580 29.30 -17.30 4.90
C LYS A 580 29.70 -16.11 5.76
N ILE A 581 30.52 -15.20 5.23
CA ILE A 581 30.92 -14.03 6.01
C ILE A 581 29.76 -13.06 6.21
N ALA A 582 28.74 -13.10 5.34
CA ALA A 582 27.54 -12.29 5.60
C ALA A 582 26.77 -12.83 6.81
N ASP A 583 26.75 -14.16 6.98
CA ASP A 583 26.11 -14.73 8.16
C ASP A 583 26.86 -14.29 9.42
N ALA A 584 28.19 -14.17 9.35
CA ALA A 584 28.93 -13.79 10.54
C ALA A 584 28.68 -12.35 10.95
N ARG A 585 28.46 -11.45 9.98
CA ARG A 585 28.14 -10.07 10.32
C ARG A 585 26.73 -9.95 10.89
N ARG A 586 25.77 -10.70 10.32
CA ARG A 586 24.42 -10.72 10.86
C ARG A 586 24.43 -11.13 12.33
N LYS A 587 25.08 -12.26 12.65
CA LYS A 587 25.10 -12.72 14.03
C LYS A 587 25.96 -11.83 14.90
N GLU A 588 26.80 -11.01 14.28
CA GLU A 588 27.52 -9.98 15.01
C GLU A 588 26.56 -8.92 15.53
N LEU A 589 25.71 -8.42 14.63
CA LEU A 589 24.69 -7.45 14.98
C LEU A 589 23.64 -8.01 15.92
N ALA A 590 23.56 -9.33 15.98
CA ALA A 590 22.59 -9.99 16.83
C ALA A 590 22.97 -9.79 18.30
N LYS A 591 24.26 -9.64 18.54
CA LYS A 591 24.86 -9.72 19.88
C LYS A 591 24.19 -10.90 20.62
N GLU A 592 23.75 -10.70 21.87
CA GLU A 592 23.23 -11.82 22.68
C GLU A 592 21.71 -12.00 22.67
N THR A 593 21.02 -11.22 21.83
CA THR A 593 19.56 -11.19 21.80
C THR A 593 18.81 -12.47 21.42
N ARG A 594 19.39 -13.39 20.70
CA ARG A 594 18.69 -14.51 20.08
C ARG A 594 17.45 -14.03 19.31
N SER A 595 17.64 -12.97 18.55
CA SER A 595 16.49 -12.37 17.87
C SER A 595 16.90 -11.77 16.54
N ASP A 596 16.33 -12.33 15.44
CA ASP A 596 16.48 -11.73 14.13
C ASP A 596 15.87 -10.35 14.06
N HIS A 597 14.88 -10.06 14.91
CA HIS A 597 14.22 -8.75 14.89
C HIS A 597 15.05 -7.68 15.59
N LEU A 598 15.71 -8.02 16.71
CA LEU A 598 16.57 -7.06 17.35
C LEU A 598 17.85 -6.82 16.56
N THR A 599 18.20 -7.77 15.69
CA THR A 599 19.32 -7.54 14.76
C THR A 599 19.01 -6.37 13.84
N VAL A 600 17.86 -6.39 13.16
CA VAL A 600 17.45 -5.24 12.35
C VAL A 600 17.57 -3.96 13.16
N VAL A 601 17.03 -3.95 14.37
CA VAL A 601 17.10 -2.76 15.22
C VAL A 601 18.55 -2.33 15.42
N ASN A 602 19.42 -3.28 15.76
CA ASN A 602 20.83 -2.93 15.96
C ASN A 602 21.47 -2.44 14.67
N ALA A 603 21.15 -3.09 13.55
CA ALA A 603 21.66 -2.64 12.26
C ALA A 603 21.16 -1.24 11.95
N PHE A 604 19.86 -0.99 12.17
CA PHE A 604 19.31 0.33 11.90
C PHE A 604 19.94 1.38 12.81
N GLU A 605 19.98 1.12 14.13
CA GLU A 605 20.54 2.11 15.05
C GLU A 605 22.01 2.38 14.74
N GLY A 606 22.75 1.34 14.34
CA GLY A 606 24.10 1.58 13.87
C GLY A 606 24.15 2.46 12.64
N TRP A 607 23.16 2.34 11.76
CA TRP A 607 23.18 3.05 10.50
C TRP A 607 22.97 4.54 10.69
N GLU A 608 22.05 4.91 11.59
CA GLU A 608 21.84 6.32 11.85
C GLU A 608 23.07 6.96 12.45
N GLU A 609 23.72 6.27 13.41
CA GLU A 609 24.92 6.85 14.00
C GLU A 609 26.04 6.90 12.98
N ALA A 610 26.03 5.98 12.02
CA ALA A 610 27.04 5.97 10.96
C ALA A 610 26.79 7.07 9.92
N LYS A 611 25.53 7.35 9.60
CA LYS A 611 25.26 8.42 8.65
C LYS A 611 25.54 9.79 9.25
N ARG A 612 25.59 9.90 10.59
CA ARG A 612 26.05 11.14 11.20
C ARG A 612 27.52 11.40 10.91
N ARG A 613 28.31 10.33 10.78
CA ARG A 613 29.76 10.45 10.67
C ARG A 613 30.25 10.62 9.23
N GLY A 614 29.35 10.75 8.26
CA GLY A 614 29.72 11.06 6.90
C GLY A 614 29.55 9.88 5.96
N PHE A 615 29.44 10.22 4.67
CA PHE A 615 29.14 9.22 3.64
C PHE A 615 30.13 8.08 3.62
N ARG A 616 31.42 8.39 3.73
CA ARG A 616 32.44 7.35 3.68
C ARG A 616 32.23 6.33 4.78
N TYR A 617 31.88 6.79 5.99
CA TYR A 617 31.63 5.86 7.09
C TYR A 617 30.26 5.20 6.95
N GLU A 618 29.32 5.87 6.29
CA GLU A 618 28.00 5.29 6.10
C GLU A 618 28.02 4.24 5.00
N LYS A 619 28.61 4.57 3.85
CA LYS A 619 28.73 3.59 2.78
C LYS A 619 29.62 2.43 3.19
N ASP A 620 30.68 2.72 3.95
CA ASP A 620 31.53 1.67 4.49
C ASP A 620 30.75 0.73 5.38
N TYR A 621 29.75 1.27 6.08
CA TYR A 621 28.91 0.46 6.96
C TYR A 621 28.01 -0.48 6.16
N CYS A 622 27.19 0.09 5.27
CA CYS A 622 26.32 -0.75 4.44
C CYS A 622 27.11 -1.77 3.66
N TRP A 623 28.40 -1.52 3.43
CA TRP A 623 29.19 -2.51 2.72
C TRP A 623 29.74 -3.59 3.64
N GLU A 624 30.32 -3.23 4.77
CA GLU A 624 30.95 -4.25 5.62
C GLU A 624 29.89 -5.05 6.36
N TYR A 625 28.67 -4.53 6.50
CA TYR A 625 27.60 -5.27 7.17
C TYR A 625 26.45 -5.65 6.23
N PHE A 626 26.61 -5.40 4.92
CA PHE A 626 25.73 -5.97 3.90
C PHE A 626 24.30 -5.48 4.03
N LEU A 627 24.15 -4.16 4.12
CA LEU A 627 22.83 -3.55 4.15
C LEU A 627 22.56 -2.74 2.89
N SER A 628 21.31 -2.79 2.45
CA SER A 628 20.83 -2.02 1.32
C SER A 628 20.35 -0.68 1.86
N SER A 629 21.14 0.37 1.64
CA SER A 629 20.78 1.66 2.21
C SER A 629 19.51 2.21 1.58
N ASN A 630 19.22 1.81 0.34
CA ASN A 630 17.91 2.12 -0.22
C ASN A 630 16.79 1.58 0.66
N THR A 631 16.90 0.31 1.06
CA THR A 631 15.86 -0.30 1.91
C THR A 631 15.75 0.42 3.25
N LEU A 632 16.90 0.75 3.84
CA LEU A 632 16.91 1.44 5.12
C LEU A 632 16.11 2.74 5.06
N GLN A 633 16.31 3.53 4.00
CA GLN A 633 15.61 4.80 3.88
C GLN A 633 14.08 4.60 3.86
N MET A 634 13.59 3.66 3.05
CA MET A 634 12.14 3.49 3.01
C MET A 634 11.61 3.07 4.37
N LEU A 635 12.32 2.17 5.06
CA LEU A 635 11.93 1.78 6.42
C LEU A 635 11.85 3.00 7.33
N HIS A 636 12.90 3.81 7.33
CA HIS A 636 12.87 5.10 8.01
C HIS A 636 11.60 5.89 7.68
N ASN A 637 11.22 5.92 6.39
CA ASN A 637 10.04 6.69 6.01
C ASN A 637 8.75 6.02 6.47
N MET A 638 8.73 4.70 6.51
CA MET A 638 7.56 4.02 7.06
C MET A 638 7.44 4.26 8.55
N LYS A 639 8.57 4.41 9.25
CA LYS A 639 8.51 4.74 10.66
C LYS A 639 7.74 6.04 10.87
N GLY A 640 8.07 7.05 10.06
CA GLY A 640 7.33 8.31 10.12
C GLY A 640 5.84 8.10 9.93
N GLN A 641 5.46 7.32 8.90
CA GLN A 641 4.04 7.11 8.64
C GLN A 641 3.36 6.45 9.83
N PHE A 642 4.00 5.40 10.38
CA PHE A 642 3.45 4.71 11.54
C PHE A 642 3.21 5.67 12.69
N ALA A 643 4.15 6.61 12.90
CA ALA A 643 4.03 7.57 13.98
C ALA A 643 2.79 8.44 13.81
N GLU A 644 2.64 9.07 12.65
CA GLU A 644 1.48 9.94 12.50
C GLU A 644 0.20 9.13 12.34
N HIS A 645 0.28 7.81 12.09
CA HIS A 645 -0.87 6.95 12.34
C HIS A 645 -1.22 6.94 13.83
N LEU A 646 -0.20 6.74 14.67
CA LEU A 646 -0.42 6.74 16.11
C LEU A 646 -0.90 8.11 16.57
N LEU A 647 -0.33 9.16 15.99
CA LEU A 647 -0.74 10.52 16.34
C LEU A 647 -2.23 10.70 16.08
N GLY A 648 -2.73 10.13 14.99
CA GLY A 648 -4.14 10.27 14.65
C GLY A 648 -5.05 9.54 15.61
N ALA A 649 -4.71 8.30 15.95
CA ALA A 649 -5.51 7.53 16.91
C ALA A 649 -5.36 8.03 18.34
N GLY A 650 -4.39 8.91 18.60
CA GLY A 650 -4.25 9.54 19.90
C GLY A 650 -3.37 8.83 20.90
N PHE A 651 -2.41 8.03 20.44
CA PHE A 651 -1.54 7.25 21.33
C PHE A 651 -0.17 7.86 21.53
N VAL A 652 0.20 8.86 20.73
CA VAL A 652 1.47 9.56 20.88
C VAL A 652 1.22 11.04 20.63
N SER A 653 2.00 11.88 21.31
CA SER A 653 1.79 13.31 21.27
C SER A 653 2.65 14.01 20.23
N SER A 654 3.33 13.26 19.38
CA SER A 654 4.27 13.83 18.42
C SER A 654 4.40 12.92 17.21
N ARG A 655 4.77 13.51 16.08
CA ARG A 655 4.91 12.77 14.83
C ARG A 655 6.25 12.07 14.72
N SER A 656 7.15 12.24 15.71
CA SER A 656 8.50 11.70 15.57
C SER A 656 8.66 10.39 16.33
N PRO A 657 9.27 9.39 15.72
CA PRO A 657 9.45 8.13 16.41
C PRO A 657 10.56 8.16 17.47
N LYS A 658 11.56 9.02 17.32
CA LYS A 658 12.62 9.10 18.30
C LYS A 658 12.33 10.09 19.42
N ASP A 659 11.12 10.66 19.44
CA ASP A 659 10.66 11.51 20.53
C ASP A 659 10.98 10.89 21.89
N PRO A 660 11.63 11.62 22.80
CA PRO A 660 12.09 10.99 24.06
C PRO A 660 10.98 10.55 24.99
N LYS A 661 9.82 11.23 24.97
CA LYS A 661 8.78 10.88 25.94
C LYS A 661 8.18 9.51 25.66
N ALA A 662 8.14 9.09 24.39
CA ALA A 662 7.65 7.76 24.02
C ALA A 662 8.77 6.70 23.95
N ASN A 663 9.99 7.04 24.37
CA ASN A 663 11.12 6.14 24.19
C ASN A 663 11.75 5.70 25.50
N ILE A 664 11.10 5.91 26.65
CA ILE A 664 11.79 5.73 27.93
C ILE A 664 12.25 4.28 28.12
N ASN A 665 11.55 3.31 27.53
CA ASN A 665 11.89 1.90 27.69
C ASN A 665 12.54 1.31 26.44
N SER A 666 13.06 2.16 25.56
CA SER A 666 13.49 1.69 24.25
C SER A 666 14.78 0.89 24.32
N ASP A 667 15.51 0.97 25.42
CA ASP A 667 16.72 0.19 25.60
C ASP A 667 16.49 -1.07 26.45
N ASN A 668 15.24 -1.41 26.75
CA ASN A 668 14.92 -2.60 27.52
C ASN A 668 14.59 -3.76 26.58
N GLU A 669 15.47 -4.77 26.56
CA GLU A 669 15.31 -5.89 25.63
C GLU A 669 14.08 -6.72 25.96
N LYS A 670 13.82 -6.98 27.24
CA LYS A 670 12.65 -7.76 27.60
C LYS A 670 11.37 -7.12 27.05
N ILE A 671 11.25 -5.79 27.15
CA ILE A 671 9.99 -5.13 26.82
C ILE A 671 9.74 -5.12 25.32
N ILE A 672 10.77 -4.79 24.52
CA ILE A 672 10.63 -4.86 23.08
C ILE A 672 10.19 -6.24 22.66
N LYS A 673 10.73 -7.29 23.31
CA LYS A 673 10.35 -8.65 22.98
C LYS A 673 8.90 -8.94 23.35
N ALA A 674 8.41 -8.37 24.46
CA ALA A 674 6.99 -8.48 24.73
C ALA A 674 6.17 -7.90 23.60
N VAL A 675 6.59 -6.73 23.07
CA VAL A 675 5.81 -6.05 22.05
C VAL A 675 5.84 -6.83 20.74
N ILE A 676 7.02 -7.34 20.37
CA ILE A 676 7.09 -8.22 19.20
C ILE A 676 6.10 -9.36 19.33
N CYS A 677 5.95 -9.85 20.55
CA CYS A 677 5.08 -10.98 20.79
C CYS A 677 3.62 -10.59 20.60
N ALA A 678 3.27 -9.37 21.01
CA ALA A 678 1.91 -8.85 20.83
C ALA A 678 1.48 -8.97 19.38
N GLY A 679 2.38 -8.68 18.47
CA GLY A 679 2.00 -8.67 17.09
C GLY A 679 2.20 -9.96 16.34
N LEU A 680 3.04 -10.87 16.83
CA LEU A 680 3.34 -12.08 16.07
C LEU A 680 2.61 -13.31 16.62
N TYR A 681 2.04 -13.22 17.82
CA TYR A 681 1.21 -14.32 18.31
C TYR A 681 0.05 -14.52 17.35
N PRO A 682 -0.38 -15.77 17.08
CA PRO A 682 -0.01 -17.09 17.61
C PRO A 682 1.11 -17.86 16.87
N LYS A 683 2.00 -17.16 16.16
CA LYS A 683 3.09 -17.90 15.54
C LYS A 683 4.16 -18.13 16.63
N VAL A 684 4.08 -19.29 17.25
CA VAL A 684 4.87 -19.60 18.43
C VAL A 684 5.42 -21.00 18.27
N ALA A 685 6.68 -21.20 18.68
CA ALA A 685 7.34 -22.51 18.56
C ALA A 685 8.07 -22.86 19.85
N LYS A 686 8.04 -24.14 20.21
CA LYS A 686 8.69 -24.63 21.40
C LYS A 686 9.99 -25.29 20.99
N ILE A 687 11.08 -24.83 21.56
CA ILE A 687 12.38 -25.31 21.16
C ILE A 687 12.61 -26.70 21.73
N ARG A 688 13.14 -27.59 20.90
CA ARG A 688 13.47 -28.93 21.31
C ARG A 688 14.85 -28.95 21.94
N LEU A 689 14.96 -29.55 23.13
CA LEU A 689 16.19 -29.55 23.89
C LEU A 689 17.14 -30.64 23.39
N ASN A 690 18.44 -30.43 23.65
CA ASN A 690 19.49 -31.35 23.21
C ASN A 690 19.65 -32.54 24.15
N MET A 697 20.92 -31.37 14.73
CA MET A 697 20.14 -30.33 14.06
C MET A 697 19.25 -29.59 15.05
N VAL A 698 18.96 -28.30 14.81
CA VAL A 698 18.06 -27.56 15.70
C VAL A 698 16.68 -27.43 15.06
N LYS A 699 15.69 -28.01 15.74
CA LYS A 699 14.33 -28.04 15.27
C LYS A 699 13.41 -27.63 16.41
N VAL A 700 12.21 -27.20 16.05
CA VAL A 700 11.26 -26.69 17.02
C VAL A 700 9.88 -27.27 16.74
N HIS A 701 9.09 -27.48 17.80
CA HIS A 701 7.71 -27.94 17.65
C HIS A 701 6.79 -26.78 17.33
N THR A 702 5.78 -27.02 16.48
CA THR A 702 4.72 -26.06 16.19
C THR A 702 3.38 -26.68 16.56
N LYS A 703 2.38 -25.82 16.75
CA LYS A 703 1.03 -26.35 16.81
C LYS A 703 0.59 -26.78 15.43
N SER A 704 0.87 -25.95 14.43
CA SER A 704 0.42 -26.21 13.07
C SER A 704 1.06 -27.47 12.48
N ASP A 705 2.39 -27.48 12.36
CA ASP A 705 3.06 -28.28 11.35
C ASP A 705 4.03 -29.35 11.89
N GLY A 706 3.99 -29.65 13.19
CA GLY A 706 4.89 -30.64 13.74
C GLY A 706 6.27 -30.06 14.03
N LEU A 707 7.30 -30.91 13.89
CA LEU A 707 8.69 -30.49 14.03
C LEU A 707 9.19 -29.83 12.74
N VAL A 708 9.65 -28.57 12.85
CA VAL A 708 10.12 -27.74 11.74
C VAL A 708 11.55 -27.27 12.04
N SER A 709 12.17 -26.60 11.08
CA SER A 709 13.56 -26.19 11.22
C SER A 709 13.72 -24.68 11.03
N ILE A 710 14.93 -24.20 11.30
CA ILE A 710 15.24 -22.78 11.25
C ILE A 710 15.86 -22.44 9.89
N HIS A 711 15.31 -21.40 9.26
CA HIS A 711 15.83 -20.90 8.00
C HIS A 711 17.31 -20.50 8.16
N PRO A 712 18.16 -20.80 7.17
CA PRO A 712 19.62 -20.58 7.37
C PRO A 712 20.03 -19.11 7.44
N LYS A 713 19.22 -18.18 6.95
CA LYS A 713 19.52 -16.76 7.11
C LYS A 713 19.38 -16.30 8.56
N SER A 714 18.78 -17.13 9.41
CA SER A 714 18.43 -16.74 10.77
C SER A 714 19.67 -16.73 11.68
N VAL A 715 19.74 -15.71 12.55
CA VAL A 715 20.83 -15.64 13.53
C VAL A 715 20.73 -16.75 14.57
N ASN A 716 19.65 -17.53 14.51
CA ASN A 716 19.40 -18.63 15.45
C ASN A 716 19.52 -20.00 14.80
N VAL A 717 20.04 -20.08 13.58
CA VAL A 717 20.03 -21.36 12.85
C VAL A 717 21.03 -22.37 13.42
N GLU A 718 22.15 -21.92 13.97
CA GLU A 718 23.15 -22.82 14.55
C GLU A 718 23.18 -22.73 16.07
N GLN A 719 22.17 -22.08 16.65
CA GLN A 719 22.19 -21.67 18.04
C GLN A 719 21.72 -22.78 18.97
N THR A 720 22.52 -23.10 19.98
CA THR A 720 22.11 -24.12 20.94
C THR A 720 22.10 -23.64 22.38
N ASP A 721 22.32 -22.34 22.66
CA ASP A 721 22.31 -21.88 24.05
C ASP A 721 21.17 -20.90 24.34
N PHE A 722 19.97 -21.20 23.85
CA PHE A 722 18.81 -20.38 24.18
C PHE A 722 18.60 -20.33 25.70
N HIS A 723 18.02 -19.24 26.16
CA HIS A 723 17.78 -19.07 27.59
C HIS A 723 16.31 -19.20 27.97
N TYR A 724 15.40 -19.26 26.99
CA TYR A 724 14.01 -19.65 27.20
C TYR A 724 13.64 -20.75 26.20
N ASN A 725 12.46 -21.31 26.39
CA ASN A 725 12.04 -22.45 25.58
C ASN A 725 11.20 -22.07 24.36
N TRP A 726 10.86 -20.79 24.16
CA TRP A 726 9.89 -20.43 23.14
C TRP A 726 10.46 -19.44 22.14
N LEU A 727 9.96 -19.53 20.89
CA LEU A 727 10.29 -18.64 19.79
C LEU A 727 9.01 -18.06 19.25
N ILE A 728 9.10 -16.85 18.73
CA ILE A 728 8.08 -16.33 17.83
C ILE A 728 8.73 -16.10 16.47
N TYR A 729 7.94 -16.29 15.42
CA TYR A 729 8.40 -16.11 14.06
C TYR A 729 7.38 -15.28 13.28
N HIS A 730 7.83 -14.62 12.22
CA HIS A 730 6.88 -13.95 11.35
C HIS A 730 6.57 -14.76 10.10
N LEU A 731 7.60 -15.25 9.44
CA LEU A 731 7.41 -15.88 8.14
C LEU A 731 7.89 -17.32 8.21
N LYS A 732 7.03 -18.20 7.77
CA LYS A 732 7.29 -19.63 7.66
C LYS A 732 7.20 -20.00 6.18
N MET A 733 8.07 -20.91 5.73
CA MET A 733 7.99 -21.26 4.31
C MET A 733 8.35 -22.72 4.09
N ARG A 734 7.72 -23.34 3.08
CA ARG A 734 7.87 -24.76 2.83
C ARG A 734 8.63 -24.99 1.51
N THR A 735 9.69 -25.79 1.57
CA THR A 735 10.21 -26.30 0.31
C THR A 735 10.16 -27.81 0.23
N SER A 736 11.09 -28.43 0.94
CA SER A 736 11.17 -29.87 1.11
C SER A 736 10.65 -30.25 2.46
N SER A 737 10.74 -29.29 3.38
CA SER A 737 10.22 -29.29 4.72
C SER A 737 9.91 -27.84 5.07
N ILE A 738 9.60 -27.56 6.34
CA ILE A 738 9.18 -26.23 6.77
C ILE A 738 10.32 -25.55 7.52
N TYR A 739 10.59 -24.29 7.17
CA TYR A 739 11.66 -23.50 7.75
C TYR A 739 11.11 -22.17 8.26
N LEU A 740 11.57 -21.73 9.43
CA LEU A 740 11.16 -20.44 9.99
C LEU A 740 12.18 -19.37 9.63
N TYR A 741 11.69 -18.27 9.04
CA TYR A 741 12.59 -17.26 8.47
C TYR A 741 13.26 -16.43 9.56
N ASP A 742 12.48 -15.68 10.33
CA ASP A 742 12.99 -14.76 11.32
C ASP A 742 12.32 -15.07 12.65
N CYS A 743 13.10 -15.45 13.66
CA CYS A 743 12.49 -15.80 14.94
C CYS A 743 13.22 -15.14 16.09
N THR A 744 12.54 -15.11 17.24
CA THR A 744 12.96 -14.37 18.42
C THR A 744 12.59 -15.18 19.65
N GLU A 745 13.59 -15.45 20.50
CA GLU A 745 13.34 -16.20 21.74
C GLU A 745 12.65 -15.31 22.76
N VAL A 746 11.57 -15.82 23.37
CA VAL A 746 10.78 -15.03 24.31
C VAL A 746 10.49 -15.80 25.58
N SER A 747 10.21 -15.05 26.63
CA SER A 747 9.81 -15.63 27.90
C SER A 747 8.36 -16.16 27.83
N PRO A 748 8.03 -17.16 28.64
CA PRO A 748 6.63 -17.61 28.69
C PRO A 748 5.69 -16.53 29.20
N TYR A 749 6.17 -15.61 30.04
CA TYR A 749 5.30 -14.57 30.55
C TYR A 749 4.83 -13.59 29.47
N CYS A 750 5.62 -13.39 28.40
CA CYS A 750 5.13 -12.56 27.29
C CYS A 750 3.96 -13.22 26.59
N LEU A 751 4.10 -14.50 26.28
CA LEU A 751 2.99 -15.27 25.72
C LEU A 751 1.76 -15.21 26.61
N LEU A 752 1.95 -15.41 27.92
CA LEU A 752 0.83 -15.56 28.85
C LEU A 752 -0.03 -14.30 28.87
N PHE A 753 0.61 -13.13 28.71
CA PHE A 753 -0.19 -11.92 28.66
C PHE A 753 -0.87 -11.75 27.30
N PHE A 754 -0.10 -11.67 26.23
CA PHE A 754 -0.68 -11.36 24.93
C PHE A 754 -1.29 -12.57 24.23
N GLY A 755 -1.27 -13.75 24.82
CA GLY A 755 -1.72 -14.93 24.13
C GLY A 755 -3.21 -15.16 24.23
N GLY A 756 -3.59 -16.42 23.97
CA GLY A 756 -4.97 -16.84 23.94
C GLY A 756 -5.49 -17.14 25.33
N ASP A 757 -6.42 -18.09 25.39
CA ASP A 757 -7.14 -18.34 26.63
C ASP A 757 -6.25 -19.07 27.62
N ILE A 758 -6.43 -18.74 28.89
CA ILE A 758 -5.56 -19.16 29.97
C ILE A 758 -6.27 -20.25 30.78
N SER A 759 -5.57 -21.34 31.06
CA SER A 759 -6.16 -22.42 31.81
C SER A 759 -5.13 -22.96 32.79
N ILE A 760 -5.63 -23.63 33.80
CA ILE A 760 -4.81 -24.08 34.91
C ILE A 760 -4.94 -25.57 35.11
N GLN A 761 -3.82 -26.26 35.35
CA GLN A 761 -3.86 -27.67 35.72
C GLN A 761 -3.02 -27.93 36.98
N LYS A 762 -3.28 -29.03 37.67
CA LYS A 762 -2.57 -29.33 38.92
C LYS A 762 -1.98 -30.75 39.03
N ASP A 763 -2.88 -31.71 39.21
CA ASP A 763 -2.54 -33.06 39.67
C ASP A 763 -1.66 -33.01 40.92
N LYS A 764 -0.76 -33.98 41.06
CA LYS A 764 0.16 -34.04 42.20
C LYS A 764 1.45 -33.27 41.99
N ASP A 765 2.02 -33.40 40.81
CA ASP A 765 3.43 -33.09 40.58
C ASP A 765 3.77 -31.63 40.32
N GLN A 766 2.88 -30.92 39.64
CA GLN A 766 3.25 -29.61 39.11
C GLN A 766 2.09 -28.64 38.97
N GLU A 767 2.33 -27.36 39.27
CA GLU A 767 1.36 -26.32 38.90
C GLU A 767 1.66 -25.90 37.46
N ILE A 768 0.63 -25.94 36.63
CA ILE A 768 0.79 -25.71 35.18
C ILE A 768 -0.12 -24.61 34.67
N ILE A 769 0.41 -23.75 33.81
CA ILE A 769 -0.46 -22.84 33.07
C ILE A 769 -0.42 -23.20 31.60
N ALA A 770 -1.60 -23.32 31.01
CA ALA A 770 -1.72 -23.54 29.60
C ALA A 770 -2.25 -22.29 28.91
N VAL A 771 -1.67 -21.95 27.77
CA VAL A 771 -2.16 -20.87 26.92
C VAL A 771 -2.59 -21.50 25.60
N ASP A 772 -3.85 -21.29 25.21
CA ASP A 772 -4.43 -21.90 24.00
C ASP A 772 -4.26 -23.43 24.03
N GLU A 773 -4.15 -23.95 25.24
CA GLU A 773 -4.05 -25.38 25.57
C GLU A 773 -2.79 -26.09 25.07
N TRP A 774 -2.13 -25.62 24.01
CA TRP A 774 -0.91 -26.31 23.58
C TRP A 774 0.37 -25.69 24.17
N ILE A 775 0.28 -24.44 24.63
CA ILE A 775 1.45 -23.76 25.20
C ILE A 775 1.43 -23.96 26.71
N VAL A 776 2.34 -24.74 27.23
CA VAL A 776 2.24 -25.24 28.59
C VAL A 776 3.57 -25.00 29.27
N PHE A 777 3.56 -24.28 30.39
CA PHE A 777 4.76 -24.06 31.17
C PHE A 777 4.41 -24.13 32.66
N GLN A 778 5.45 -24.33 33.47
CA GLN A 778 5.28 -24.36 34.91
C GLN A 778 5.26 -22.94 35.46
N SER A 779 4.28 -22.65 36.35
CA SER A 779 4.33 -21.48 37.22
C SER A 779 3.12 -21.40 38.15
N PRO A 780 3.23 -20.70 39.28
CA PRO A 780 2.18 -20.77 40.31
C PRO A 780 0.85 -20.23 39.81
N GLU A 781 -0.22 -20.79 40.37
CA GLU A 781 -1.56 -20.47 39.90
C GLU A 781 -1.91 -19.01 40.14
N ARG A 782 -1.30 -18.39 41.16
CA ARG A 782 -1.54 -16.97 41.41
C ARG A 782 -1.21 -16.13 40.19
N ILE A 783 -0.11 -16.45 39.51
CA ILE A 783 0.28 -15.72 38.32
C ILE A 783 -0.81 -15.76 37.26
N ALA A 784 -1.55 -16.87 37.17
CA ALA A 784 -2.62 -16.94 36.16
C ALA A 784 -3.76 -15.99 36.52
N HIS A 785 -4.24 -16.03 37.77
CA HIS A 785 -5.26 -15.08 38.20
C HIS A 785 -4.78 -13.65 38.03
N LEU A 786 -3.50 -13.41 38.30
CA LEU A 786 -2.91 -12.11 38.08
C LEU A 786 -3.03 -11.66 36.63
N VAL A 787 -2.65 -12.52 35.69
CA VAL A 787 -2.71 -12.10 34.29
C VAL A 787 -4.14 -11.95 33.83
N LYS A 788 -5.05 -12.81 34.32
CA LYS A 788 -6.46 -12.62 34.05
C LYS A 788 -6.91 -11.22 34.46
N GLY A 789 -6.56 -10.82 35.69
CA GLY A 789 -6.95 -9.50 36.15
C GLY A 789 -6.32 -8.39 35.32
N LEU A 790 -5.02 -8.49 35.07
CA LEU A 790 -4.32 -7.43 34.36
C LEU A 790 -4.86 -7.27 32.95
N ARG A 791 -5.29 -8.36 32.33
CA ARG A 791 -5.88 -8.26 30.99
C ARG A 791 -7.17 -7.45 31.00
N LYS A 792 -8.01 -7.67 32.01
CA LYS A 792 -9.25 -6.92 32.08
C LYS A 792 -9.01 -5.45 32.40
N GLU A 793 -8.02 -5.14 33.24
CA GLU A 793 -7.70 -3.74 33.49
C GLU A 793 -7.20 -3.05 32.23
N LEU A 794 -6.40 -3.75 31.42
CA LEU A 794 -5.93 -3.15 30.17
C LEU A 794 -7.09 -2.96 29.20
N ASP A 795 -8.01 -3.93 29.12
CA ASP A 795 -9.23 -3.77 28.33
C ASP A 795 -9.96 -2.48 28.66
N SER A 796 -10.11 -2.18 29.96
CA SER A 796 -10.82 -0.97 30.33
C SER A 796 -9.99 0.28 30.07
N LEU A 797 -8.67 0.22 30.31
CA LEU A 797 -7.81 1.30 29.81
C LEU A 797 -8.09 1.53 28.33
N LEU A 798 -8.14 0.46 27.53
CA LEU A 798 -8.40 0.64 26.11
C LEU A 798 -9.81 1.09 25.82
N GLN A 799 -10.80 0.63 26.62
CA GLN A 799 -12.15 1.07 26.33
C GLN A 799 -12.28 2.55 26.58
N GLU A 800 -11.82 3.03 27.73
CA GLU A 800 -12.04 4.43 28.06
C GLU A 800 -11.19 5.35 27.21
N LYS A 801 -10.20 4.84 26.49
CA LYS A 801 -9.50 5.66 25.52
C LYS A 801 -10.14 5.62 24.14
N ILE A 802 -11.31 5.00 24.00
CA ILE A 802 -12.06 5.09 22.74
C ILE A 802 -12.69 6.48 22.60
N GLU A 803 -13.43 6.91 23.63
CA GLU A 803 -14.30 8.07 23.49
C GLU A 803 -13.54 9.39 23.50
N SER A 804 -12.41 9.49 24.21
CA SER A 804 -11.51 10.64 24.07
C SER A 804 -10.07 10.19 24.23
N PRO A 805 -9.44 9.77 23.12
CA PRO A 805 -8.09 9.18 23.14
C PRO A 805 -7.01 10.22 23.39
N HIS A 806 -6.09 9.89 24.29
CA HIS A 806 -4.93 10.76 24.54
C HIS A 806 -3.74 9.96 25.07
N PRO A 807 -2.52 10.27 24.64
CA PRO A 807 -1.39 9.37 24.91
C PRO A 807 -1.13 9.23 26.39
N VAL A 808 -0.66 8.04 26.76
CA VAL A 808 -0.26 7.77 28.13
C VAL A 808 0.91 8.67 28.50
N ASP A 809 0.79 9.36 29.63
CA ASP A 809 1.89 10.16 30.14
C ASP A 809 2.72 9.32 31.10
N TRP A 810 3.91 8.94 30.66
CA TRP A 810 4.84 8.16 31.47
C TRP A 810 5.59 9.00 32.49
N ASP A 811 5.37 10.32 32.54
CA ASP A 811 5.98 11.19 33.54
C ASP A 811 5.07 11.44 34.75
N ASP A 812 3.85 10.89 34.76
CA ASP A 812 2.94 11.04 35.88
C ASP A 812 3.00 9.80 36.75
N THR A 813 3.29 10.01 38.02
CA THR A 813 3.38 8.95 39.00
C THR A 813 2.08 8.20 39.18
N LYS A 814 1.07 8.90 39.64
CA LYS A 814 -0.21 8.31 40.02
C LYS A 814 -1.14 8.60 38.84
N SER A 815 -1.37 7.58 38.00
CA SER A 815 -2.20 7.82 36.84
C SER A 815 -3.40 6.89 36.72
N ARG A 816 -3.26 5.63 37.15
CA ARG A 816 -4.15 4.51 36.89
C ARG A 816 -4.02 3.99 35.47
N ASP A 817 -3.33 4.69 34.59
CA ASP A 817 -2.83 4.10 33.36
C ASP A 817 -1.37 3.71 33.51
N CYS A 818 -0.55 4.58 34.12
CA CYS A 818 0.81 4.20 34.48
C CYS A 818 0.80 3.08 35.49
N ALA A 819 -0.17 3.06 36.40
CA ALA A 819 -0.26 2.00 37.40
C ALA A 819 -0.43 0.63 36.74
N VAL A 820 -1.39 0.51 35.83
CA VAL A 820 -1.70 -0.78 35.23
C VAL A 820 -0.59 -1.22 34.27
N LEU A 821 -0.17 -0.31 33.38
CA LEU A 821 0.86 -0.68 32.43
C LEU A 821 2.18 -0.99 33.14
N SER A 822 2.53 -0.23 34.18
CA SER A 822 3.71 -0.57 34.99
C SER A 822 3.58 -1.96 35.61
N ALA A 823 2.39 -2.31 36.10
CA ALA A 823 2.17 -3.66 36.61
C ALA A 823 2.32 -4.69 35.49
N ILE A 824 1.79 -4.39 34.31
CA ILE A 824 1.95 -5.32 33.21
C ILE A 824 3.42 -5.44 32.84
N LEU A 825 4.14 -4.32 32.83
CA LEU A 825 5.57 -4.33 32.54
C LEU A 825 6.31 -5.19 33.56
N ASP A 826 5.99 -5.00 34.83
CA ASP A 826 6.59 -5.81 35.86
C ASP A 826 6.40 -7.30 35.59
N LEU A 827 5.20 -7.69 35.17
CA LEU A 827 4.91 -9.11 34.97
C LEU A 827 5.72 -9.68 33.81
N ILE A 828 5.80 -8.98 32.67
CA ILE A 828 6.55 -9.53 31.55
C ILE A 828 8.05 -9.47 31.77
N LYS A 829 8.51 -8.83 32.83
CA LYS A 829 9.93 -8.79 33.13
C LYS A 829 10.39 -9.93 34.02
N THR A 830 9.54 -10.92 34.25
CA THR A 830 9.97 -12.24 34.72
C THR A 830 10.39 -13.16 33.55
#